data_8BO8
#
_entry.id   8BO8
#
_cell.length_a   101.887
_cell.length_b   130.286
_cell.length_c   159.702
_cell.angle_alpha   90.00
_cell.angle_beta   90.00
_cell.angle_gamma   90.00
#
_symmetry.space_group_name_H-M   'I 2 2 2'
#
loop_
_entity.id
_entity.type
_entity.pdbx_description
1 polymer 'Glutamate carboxypeptidase 2'
2 branched beta-D-mannopyranose-(1-4)-2-acetamido-2-deoxy-beta-D-glucopyranose-(1-4)-2-acetamido-2-deoxy-beta-D-glucopyranose
3 branched alpha-D-mannopyranose-(1-3)-[alpha-D-mannopyranose-(1-6)]beta-D-mannopyranose-(1-4)-2-acetamido-2-deoxy-beta-D-glucopyranose-(1-4)-2-acetamido-2-deoxy-beta-D-glucopyranose
4 branched 2-acetamido-2-deoxy-beta-D-glucopyranose-(1-4)-2-acetamido-2-deoxy-beta-D-glucopyranose
5 branched beta-D-mannopyranose-(1-4)-2-acetamido-2-deoxy-beta-D-glucopyranose-(1-4)-[alpha-L-fucopyranose-(1-6)]2-acetamido-2-deoxy-beta-D-glucopyranose
6 non-polymer 'ZINC ION'
7 non-polymer 'CALCIUM ION'
8 non-polymer 'CHLORIDE ION'
9 non-polymer 2-acetamido-2-deoxy-beta-D-glucopyranose
10 non-polymer 'SODIUM ION'
11 non-polymer '(2~{S})-2-[[(2~{S})-1-oxidanyl-1-oxidanylidene-6-[[(~{E},2~{S})-5-phenyl-2-[[4-[[2-[4,7,10-tris(2-hydroxy-2-oxoethyl)-1,4,7,10-tetrazacyclododec-1-yl]ethanoylamino]methyl]cyclohexyl]carbonylamino]pent-4-enoyl]amino]hexan-2-yl]carbamoylamino]pentanedioic acid'
12 water water
#
_entity_poly.entity_id   1
_entity_poly.type   'polypeptide(L)'
_entity_poly.pdbx_seq_one_letter_code
;KSSNEATNITPKHNMKAFLDELKAENIKKFLYNFTQIPHLAGTEQNFQLAKQIQSQWKEFGLDSVELAHYDVLLSYPNKT
HPNYISIINEDGNEIFNTSLFEPPPPGYENVSDIVPPFSAFSPQGMPEGDLVYVNYARTEDFFKLERDMKINCSGKIVIA
RYGKVFRGNKVKNAQLAGAKGVILYSDPADYFAPGVKSYPDGWNLPGGGVQRGNILNLNGAGDPLTPGYPANEYAYRRGI
AEAVGLPSIPVHPIGYYDAQKLLEKMGGSAPPDSSWRGSLKVPYNVGPGFTGNFSTQKVKMHIHSTNEVTRIYNVIGTLR
GAVEPDRYVILGGHRDSWVFGGIDPQSGAAVVHEIVRSFGTLKKEGWRPRRTILFASWDAEEFGLLGSTEWAEENSRLLQ
ERGVAYINADSSIEGNYTLRVDCTPLMYSLVHNLTKELKSPDEGFEGKSLYESWTKKSPSPEFSGMPRISKLGSGNDFEV
FFQRLGIASGRARYTKNWETNKFSGYPLYHSVYETYELVEKFYDPMFKYHLTVAQVRGGMVFELANSIVLPFDCRDYAVV
LRKYADKIYSISMKHPQEMKTYSVSFDSLFSAVKNFTEIASKFSERLQDFDKSNPIVLRMMNDQLMFLERAFIDPLGLPD
RPFYRHVIYAPSSHNKYAGESFPGIYDALFDIESKVDPSKAWGEVKRQIYVAAFTVQAAAETLSEVA
;
_entity_poly.pdbx_strand_id   A
#
loop_
_chem_comp.id
_chem_comp.type
_chem_comp.name
_chem_comp.formula
BMA D-saccharide, beta linking beta-D-mannopyranose 'C6 H12 O6'
CA non-polymer 'CALCIUM ION' 'Ca 2'
CL non-polymer 'CHLORIDE ION' 'Cl -1'
FUC L-saccharide, alpha linking alpha-L-fucopyranose 'C6 H12 O5'
MAN D-saccharide, alpha linking alpha-D-mannopyranose 'C6 H12 O6'
NA non-polymer 'SODIUM ION' 'Na 1'
NAG D-saccharide, beta linking 2-acetamido-2-deoxy-beta-D-glucopyranose 'C8 H15 N O6'
QWF non-polymer '(2~{S})-2-[[(2~{S})-1-oxidanyl-1-oxidanylidene-6-[[(~{E},2~{S})-5-phenyl-2-[[4-[[2-[4,7,10-tris(2-hydroxy-2-oxoethyl)-1,4,7,10-tetrazacyclododec-1-yl]ethanoylamino]methyl]cyclohexyl]carbonylamino]pent-4-enoyl]amino]hexan-2-yl]carbamoylamino]pentanedioic acid' 'C47 H71 N9 O16'
ZN non-polymer 'ZINC ION' 'Zn 2'
#
# COMPACT_ATOMS: atom_id res chain seq x y z
N HIS A 13 5.64 -4.79 34.66
CA HIS A 13 4.83 -5.17 33.45
C HIS A 13 4.09 -4.00 32.83
N ASN A 14 4.83 -3.17 32.11
CA ASN A 14 4.33 -1.95 31.51
C ASN A 14 4.95 -1.85 30.13
N MET A 15 4.80 -0.69 29.48
CA MET A 15 5.30 -0.59 28.12
C MET A 15 6.82 -0.75 28.03
N LYS A 16 7.52 -0.17 29.00
CA LYS A 16 8.99 -0.23 29.02
C LYS A 16 9.49 -1.68 29.07
N ALA A 17 8.86 -2.52 29.91
CA ALA A 17 9.13 -3.98 29.94
C ALA A 17 8.96 -4.61 28.55
N PHE A 18 7.82 -4.33 27.91
CA PHE A 18 7.60 -4.81 26.54
C PHE A 18 8.75 -4.36 25.59
N LEU A 19 9.02 -3.06 25.60
CA LEU A 19 9.95 -2.47 24.65
C LEU A 19 11.38 -3.03 24.87
N ASP A 20 11.79 -3.12 26.13
CA ASP A 20 13.16 -3.56 26.47
C ASP A 20 13.44 -5.00 26.08
N GLU A 21 12.39 -5.83 26.02
CA GLU A 21 12.54 -7.22 25.70
C GLU A 21 12.85 -7.45 24.22
N LEU A 22 12.46 -6.49 23.37
CA LEU A 22 12.73 -6.51 21.90
C LEU A 22 14.25 -6.44 21.59
N LYS A 23 14.76 -7.37 20.79
CA LYS A 23 16.22 -7.36 20.47
C LYS A 23 16.51 -7.28 18.99
N ALA A 24 17.40 -6.40 18.61
CA ALA A 24 17.88 -6.26 17.22
C ALA A 24 18.44 -7.58 16.71
N GLU A 25 19.16 -8.30 17.59
CA GLU A 25 19.80 -9.55 17.22
C GLU A 25 18.77 -10.63 16.87
N ASN A 26 17.64 -10.62 17.58
CA ASN A 26 16.53 -11.55 17.26
C ASN A 26 15.92 -11.25 15.91
N ILE A 27 15.71 -9.97 15.63
CA ILE A 27 15.11 -9.56 14.34
C ILE A 27 16.05 -10.00 13.19
N LYS A 28 17.38 -9.80 13.36
CA LYS A 28 18.38 -10.27 12.39
C LYS A 28 18.26 -11.76 12.11
N LYS A 29 18.25 -12.57 13.17
CA LYS A 29 18.09 -14.03 13.07
C LYS A 29 16.81 -14.44 12.34
N PHE A 30 15.68 -13.86 12.73
CA PHE A 30 14.42 -14.12 12.02
C PHE A 30 14.49 -13.72 10.52
N LEU A 31 15.07 -12.55 10.22
CA LEU A 31 15.15 -12.12 8.83
C LEU A 31 15.95 -13.15 8.01
N TYR A 32 17.13 -13.52 8.51
CA TYR A 32 17.91 -14.58 7.90
C TYR A 32 17.09 -15.83 7.66
N ASN A 33 16.38 -16.28 8.70
CA ASN A 33 15.56 -17.47 8.63
C ASN A 33 14.47 -17.43 7.56
N PHE A 34 13.89 -16.24 7.31
CA PHE A 34 12.71 -16.10 6.45
C PHE A 34 13.09 -15.85 5.00
N THR A 35 14.40 -15.73 4.72
CA THR A 35 14.83 -15.26 3.42
C THR A 35 15.78 -16.17 2.63
N GLN A 36 15.92 -17.42 3.04
CA GLN A 36 16.90 -18.36 2.40
C GLN A 36 16.36 -18.96 1.12
N ILE A 37 15.03 -19.09 1.05
CA ILE A 37 14.35 -19.65 -0.13
C ILE A 37 13.18 -18.72 -0.51
N PRO A 38 12.73 -18.75 -1.79
CA PRO A 38 11.50 -17.99 -2.13
C PRO A 38 10.24 -18.47 -1.39
N HIS A 39 9.32 -17.52 -1.12
CA HIS A 39 8.05 -17.86 -0.48
C HIS A 39 6.89 -17.26 -1.27
N LEU A 40 6.85 -17.57 -2.57
CA LEU A 40 5.79 -17.12 -3.46
C LEU A 40 4.43 -17.63 -2.98
N ALA A 41 3.42 -16.75 -3.01
CA ALA A 41 2.08 -17.20 -2.60
C ALA A 41 1.59 -18.39 -3.41
N GLY A 42 0.95 -19.32 -2.70
CA GLY A 42 0.34 -20.49 -3.33
C GLY A 42 1.31 -21.64 -3.52
N THR A 43 2.56 -21.43 -3.12
CA THR A 43 3.59 -22.48 -3.27
C THR A 43 3.77 -23.28 -2.00
N GLU A 44 4.28 -24.51 -2.15
CA GLU A 44 4.52 -25.38 -1.00
C GLU A 44 5.43 -24.74 0.04
N GLN A 45 6.47 -24.02 -0.41
CA GLN A 45 7.41 -23.41 0.52
C GLN A 45 6.73 -22.35 1.39
N ASN A 46 5.80 -21.59 0.84
CA ASN A 46 5.11 -20.59 1.66
C ASN A 46 4.12 -21.20 2.66
N PHE A 47 3.57 -22.36 2.31
CA PHE A 47 2.75 -23.14 3.23
C PHE A 47 3.63 -23.69 4.36
N GLN A 48 4.83 -24.19 4.02
CA GLN A 48 5.76 -24.61 5.07
C GLN A 48 6.13 -23.50 6.04
N LEU A 49 6.42 -22.32 5.48
CA LEU A 49 6.70 -21.17 6.31
C LEU A 49 5.49 -20.79 7.21
N ALA A 50 4.27 -20.80 6.66
CA ALA A 50 3.05 -20.60 7.44
C ALA A 50 3.01 -21.56 8.66
N LYS A 51 3.25 -22.85 8.42
CA LYS A 51 3.24 -23.84 9.52
C LYS A 51 4.34 -23.56 10.55
N GLN A 52 5.53 -23.14 10.08
CA GLN A 52 6.62 -22.74 11.00
C GLN A 52 6.23 -21.54 11.88
N ILE A 53 5.63 -20.50 11.27
CA ILE A 53 5.21 -19.32 12.05
C ILE A 53 4.15 -19.71 13.09
N GLN A 54 3.20 -20.52 12.66
CA GLN A 54 2.14 -21.02 13.55
C GLN A 54 2.74 -21.75 14.77
N SER A 55 3.70 -22.64 14.50
CA SER A 55 4.42 -23.33 15.59
C SER A 55 5.13 -22.41 16.55
N GLN A 56 5.89 -21.45 16.01
CA GLN A 56 6.66 -20.58 16.85
C GLN A 56 5.80 -19.60 17.66
N TRP A 57 4.76 -19.04 17.04
CA TRP A 57 3.81 -18.20 17.78
C TRP A 57 3.14 -18.95 18.95
N LYS A 58 2.84 -20.25 18.76
CA LYS A 58 2.37 -21.11 19.87
C LYS A 58 3.44 -21.23 20.96
N GLU A 59 4.67 -21.58 20.56
N GLU A 59 4.67 -21.55 20.58
CA GLU A 59 5.84 -21.66 21.46
CA GLU A 59 5.78 -21.64 21.56
C GLU A 59 6.03 -20.33 22.22
C GLU A 59 6.04 -20.31 22.25
N PHE A 60 5.93 -19.21 21.51
CA PHE A 60 6.07 -17.86 22.07
C PHE A 60 5.05 -17.53 23.16
N GLY A 61 3.94 -18.27 23.20
CA GLY A 61 2.97 -18.16 24.27
C GLY A 61 1.57 -17.65 23.93
N LEU A 62 1.24 -17.43 22.65
CA LEU A 62 -0.13 -16.99 22.27
C LEU A 62 -1.19 -18.01 22.67
N ASP A 63 -2.41 -17.54 22.97
CA ASP A 63 -3.50 -18.44 23.40
C ASP A 63 -3.98 -19.37 22.34
N SER A 64 -4.04 -18.90 21.09
CA SER A 64 -4.41 -19.79 19.98
C SER A 64 -3.72 -19.23 18.75
N VAL A 65 -3.37 -20.14 17.86
CA VAL A 65 -2.74 -19.79 16.60
C VAL A 65 -3.30 -20.77 15.57
N GLU A 66 -4.05 -20.23 14.60
CA GLU A 66 -4.69 -21.08 13.59
CA GLU A 66 -4.77 -21.02 13.59
C GLU A 66 -4.31 -20.61 12.19
N LEU A 67 -4.46 -21.50 11.21
CA LEU A 67 -4.32 -21.11 9.82
C LEU A 67 -5.74 -20.86 9.30
N ALA A 68 -5.93 -19.76 8.59
CA ALA A 68 -7.19 -19.51 7.89
C ALA A 68 -6.85 -19.61 6.43
N HIS A 69 -7.48 -20.54 5.72
CA HIS A 69 -7.12 -20.70 4.29
C HIS A 69 -8.27 -20.34 3.35
N TYR A 70 -7.95 -19.99 2.09
CA TYR A 70 -8.92 -19.56 1.09
C TYR A 70 -8.38 -20.08 -0.23
N ASP A 71 -9.27 -20.22 -1.22
CA ASP A 71 -8.90 -20.63 -2.56
C ASP A 71 -9.21 -19.51 -3.49
N VAL A 72 -8.13 -18.84 -3.92
CA VAL A 72 -8.22 -17.56 -4.67
C VAL A 72 -7.55 -17.65 -6.02
N LEU A 73 -7.91 -16.73 -6.91
CA LEU A 73 -7.24 -16.62 -8.22
C LEU A 73 -5.84 -16.08 -8.07
N LEU A 74 -4.85 -16.87 -8.50
CA LEU A 74 -3.42 -16.44 -8.53
C LEU A 74 -2.97 -16.57 -10.00
N SER A 75 -1.72 -16.20 -10.29
CA SER A 75 -1.22 -16.13 -11.67
C SER A 75 0.25 -16.56 -11.63
N TYR A 76 0.64 -17.41 -12.57
CA TYR A 76 2.01 -17.90 -12.62
C TYR A 76 2.47 -18.05 -14.07
N PRO A 77 3.74 -17.77 -14.34
CA PRO A 77 4.25 -18.08 -15.70
C PRO A 77 4.18 -19.59 -15.98
N ASN A 78 4.08 -19.96 -17.26
CA ASN A 78 4.21 -21.34 -17.68
C ASN A 78 5.71 -21.74 -17.72
N LYS A 79 6.07 -22.69 -16.86
CA LYS A 79 7.46 -23.21 -16.75
C LYS A 79 8.05 -23.75 -18.06
N THR A 80 7.22 -24.30 -18.95
CA THR A 80 7.74 -24.91 -20.19
C THR A 80 7.49 -24.04 -21.43
N HIS A 81 7.02 -22.82 -21.21
CA HIS A 81 6.66 -21.95 -22.30
C HIS A 81 6.89 -20.50 -21.83
N PRO A 82 8.17 -20.06 -21.79
CA PRO A 82 8.56 -18.80 -21.14
C PRO A 82 8.03 -17.54 -21.81
N ASN A 83 7.81 -16.51 -20.99
CA ASN A 83 7.38 -15.22 -21.47
C ASN A 83 8.61 -14.43 -21.98
N TYR A 84 8.46 -13.74 -23.09
CA TYR A 84 9.54 -12.85 -23.56
C TYR A 84 9.00 -11.92 -24.64
N ILE A 85 9.81 -10.93 -25.00
CA ILE A 85 9.46 -9.93 -25.99
C ILE A 85 10.56 -9.96 -27.08
N SER A 86 10.15 -9.75 -28.33
CA SER A 86 11.08 -9.73 -29.46
CA SER A 86 11.14 -9.69 -29.40
C SER A 86 10.98 -8.47 -30.32
N ILE A 87 12.09 -8.11 -30.96
CA ILE A 87 12.04 -7.28 -32.17
C ILE A 87 12.06 -8.30 -33.33
N ILE A 88 11.02 -8.25 -34.15
N ILE A 88 11.09 -8.18 -34.23
CA ILE A 88 10.90 -9.10 -35.33
CA ILE A 88 10.85 -9.15 -35.30
C ILE A 88 11.17 -8.25 -36.56
C ILE A 88 10.84 -8.46 -36.67
N ASN A 89 11.73 -8.89 -37.59
CA ASN A 89 11.87 -8.24 -38.92
C ASN A 89 10.74 -8.65 -39.85
N GLU A 90 10.65 -8.02 -41.02
CA GLU A 90 9.57 -8.26 -41.99
C GLU A 90 9.39 -9.72 -42.39
N ASP A 91 10.50 -10.48 -42.41
CA ASP A 91 10.48 -11.93 -42.64
C ASP A 91 9.81 -12.68 -41.49
N GLY A 92 9.87 -12.10 -40.29
CA GLY A 92 9.32 -12.75 -39.11
C GLY A 92 10.38 -13.39 -38.22
N ASN A 93 11.65 -13.10 -38.50
CA ASN A 93 12.75 -13.56 -37.66
C ASN A 93 12.89 -12.65 -36.45
N GLU A 94 13.01 -13.30 -35.30
CA GLU A 94 13.20 -12.61 -34.02
C GLU A 94 14.67 -12.28 -33.83
N ILE A 95 15.01 -11.02 -34.11
CA ILE A 95 16.40 -10.56 -34.12
C ILE A 95 16.92 -10.11 -32.76
N PHE A 96 16.01 -9.88 -31.82
CA PHE A 96 16.37 -9.56 -30.43
C PHE A 96 15.32 -10.17 -29.52
N ASN A 97 15.76 -10.82 -28.44
CA ASN A 97 14.85 -11.38 -27.44
C ASN A 97 15.21 -10.82 -26.10
N THR A 98 14.20 -10.51 -25.27
CA THR A 98 14.48 -10.04 -23.90
C THR A 98 14.86 -11.24 -23.03
N SER A 99 15.50 -11.00 -21.88
CA SER A 99 15.90 -12.11 -20.98
C SER A 99 14.76 -13.00 -20.51
N LEU A 100 15.12 -14.25 -20.18
CA LEU A 100 14.17 -15.21 -19.62
C LEU A 100 14.24 -15.25 -18.08
N PHE A 101 15.23 -14.58 -17.49
CA PHE A 101 15.42 -14.60 -16.03
C PHE A 101 16.40 -13.52 -15.64
N GLU A 102 16.38 -13.09 -14.38
CA GLU A 102 17.40 -12.14 -13.90
C GLU A 102 18.64 -12.97 -13.53
N PRO A 103 19.84 -12.47 -13.90
CA PRO A 103 21.05 -13.16 -13.43
C PRO A 103 21.04 -13.33 -11.90
N PRO A 104 21.09 -14.57 -11.38
CA PRO A 104 20.95 -14.67 -9.94
C PRO A 104 22.14 -14.10 -9.20
N PRO A 105 21.91 -13.54 -7.99
CA PRO A 105 23.02 -12.95 -7.25
C PRO A 105 24.03 -14.00 -6.70
N PRO A 106 25.23 -13.53 -6.29
CA PRO A 106 26.30 -14.43 -5.81
C PRO A 106 25.87 -15.40 -4.71
N GLY A 107 26.07 -16.69 -4.96
CA GLY A 107 25.70 -17.71 -3.98
C GLY A 107 24.27 -18.26 -4.08
N TYR A 108 23.46 -17.68 -4.98
CA TYR A 108 22.07 -18.07 -5.21
C TYR A 108 21.85 -18.63 -6.60
N GLU A 109 22.93 -18.82 -7.36
CA GLU A 109 22.85 -19.23 -8.76
C GLU A 109 22.30 -20.67 -8.93
N ASN A 110 22.24 -21.41 -7.81
CA ASN A 110 21.67 -22.77 -7.80
C ASN A 110 20.30 -22.90 -7.06
N VAL A 111 19.85 -21.84 -6.40
CA VAL A 111 18.54 -21.83 -5.75
C VAL A 111 17.44 -22.05 -6.81
N SER A 112 16.59 -23.05 -6.61
CA SER A 112 15.50 -23.30 -7.55
C SER A 112 14.20 -22.56 -7.15
N ASP A 113 13.23 -22.57 -8.08
CA ASP A 113 11.92 -22.00 -7.85
C ASP A 113 11.97 -20.48 -7.67
N ILE A 114 12.97 -19.82 -8.29
CA ILE A 114 12.90 -18.36 -8.43
C ILE A 114 11.92 -18.09 -9.55
N VAL A 115 10.77 -17.50 -9.23
CA VAL A 115 9.84 -17.19 -10.32
C VAL A 115 10.48 -16.16 -11.27
N PRO A 116 10.47 -16.43 -12.62
CA PRO A 116 11.01 -15.42 -13.54
C PRO A 116 10.15 -14.11 -13.55
N PRO A 117 10.75 -12.96 -13.92
CA PRO A 117 9.95 -11.73 -13.99
C PRO A 117 8.70 -11.91 -14.87
N PHE A 118 7.55 -11.48 -14.34
CA PHE A 118 6.30 -11.51 -15.05
C PHE A 118 5.37 -10.50 -14.39
N SER A 119 4.34 -10.08 -15.12
CA SER A 119 3.30 -9.19 -14.61
C SER A 119 2.13 -10.10 -14.22
N ALA A 120 1.92 -10.33 -12.91
CA ALA A 120 0.82 -11.23 -12.46
C ALA A 120 -0.55 -10.77 -12.94
N PHE A 121 -1.32 -11.73 -13.50
CA PHE A 121 -2.69 -11.63 -14.05
C PHE A 121 -2.78 -11.12 -15.50
N SER A 122 -1.63 -10.91 -16.15
CA SER A 122 -1.64 -10.62 -17.57
C SER A 122 -2.42 -11.73 -18.29
N PRO A 123 -3.26 -11.35 -19.28
CA PRO A 123 -3.83 -12.42 -20.12
C PRO A 123 -2.75 -12.96 -21.08
N GLN A 124 -3.05 -14.08 -21.73
CA GLN A 124 -2.13 -14.68 -22.71
C GLN A 124 -2.31 -13.96 -24.02
N GLY A 125 -1.23 -13.88 -24.80
CA GLY A 125 -1.35 -13.40 -26.19
C GLY A 125 0.02 -13.28 -26.80
N MET A 126 0.05 -13.06 -28.12
CA MET A 126 1.29 -12.77 -28.80
C MET A 126 1.15 -11.58 -29.74
N PRO A 127 0.74 -10.39 -29.22
CA PRO A 127 0.52 -9.24 -30.09
C PRO A 127 1.80 -8.72 -30.75
N GLU A 128 1.65 -8.26 -31.99
CA GLU A 128 2.73 -7.70 -32.79
C GLU A 128 2.38 -6.31 -33.18
N GLY A 129 3.31 -5.37 -33.09
CA GLY A 129 3.01 -4.06 -33.58
C GLY A 129 4.04 -3.00 -33.35
N ASP A 130 3.62 -1.76 -33.56
CA ASP A 130 4.51 -0.60 -33.41
C ASP A 130 4.46 -0.04 -31.97
N LEU A 131 5.62 0.37 -31.50
CA LEU A 131 5.81 0.84 -30.15
C LEU A 131 5.46 2.31 -30.02
N VAL A 132 4.80 2.68 -28.92
CA VAL A 132 4.69 4.08 -28.51
C VAL A 132 5.21 4.18 -27.08
N TYR A 133 6.06 5.16 -26.83
CA TYR A 133 6.60 5.42 -25.52
C TYR A 133 5.71 6.45 -24.82
N VAL A 134 5.19 6.09 -23.64
CA VAL A 134 4.15 6.85 -22.93
C VAL A 134 4.64 7.39 -21.58
N ASN A 135 5.96 7.53 -21.41
CA ASN A 135 6.59 8.05 -20.17
C ASN A 135 6.22 7.12 -18.99
N TYR A 136 5.61 7.63 -17.91
CA TYR A 136 5.20 6.78 -16.78
C TYR A 136 3.80 6.21 -16.89
N ALA A 137 3.15 6.40 -18.05
CA ALA A 137 1.77 5.96 -18.32
C ALA A 137 0.75 6.49 -17.27
N ARG A 138 1.03 7.67 -16.72
CA ARG A 138 0.07 8.38 -15.83
C ARG A 138 -1.04 9.03 -16.62
N THR A 139 -2.13 9.38 -15.92
CA THR A 139 -3.26 10.01 -16.55
C THR A 139 -2.81 11.22 -17.36
N GLU A 140 -1.93 12.04 -16.77
CA GLU A 140 -1.43 13.25 -17.45
C GLU A 140 -0.47 12.96 -18.62
N ASP A 141 0.25 11.84 -18.55
CA ASP A 141 1.06 11.39 -19.71
C ASP A 141 0.18 11.07 -20.90
N PHE A 142 -0.93 10.35 -20.65
CA PHE A 142 -1.90 10.10 -21.72
C PHE A 142 -2.67 11.34 -22.23
N PHE A 143 -3.00 12.25 -21.30
CA PHE A 143 -3.57 13.55 -21.68
C PHE A 143 -2.60 14.28 -22.66
N LYS A 144 -1.30 14.34 -22.29
CA LYS A 144 -0.29 15.02 -23.09
C LYS A 144 -0.17 14.40 -24.49
N LEU A 145 -0.14 13.06 -24.55
CA LEU A 145 -0.08 12.30 -25.80
C LEU A 145 -1.27 12.53 -26.71
N GLU A 146 -2.47 12.25 -26.20
CA GLU A 146 -3.71 12.33 -26.96
C GLU A 146 -4.12 13.78 -27.27
N ARG A 147 -4.12 14.65 -26.24
CA ARG A 147 -4.67 16.01 -26.38
C ARG A 147 -3.70 17.00 -27.02
N ASP A 148 -2.47 17.05 -26.52
CA ASP A 148 -1.45 17.99 -26.98
C ASP A 148 -0.68 17.49 -28.19
N MET A 149 -0.19 16.26 -28.11
CA MET A 149 0.70 15.73 -29.15
C MET A 149 -0.04 15.10 -30.31
N LYS A 150 -1.33 14.80 -30.15
CA LYS A 150 -2.15 14.13 -31.15
C LYS A 150 -1.64 12.73 -31.60
N ILE A 151 -1.07 11.97 -30.66
CA ILE A 151 -0.61 10.61 -30.92
C ILE A 151 -1.68 9.61 -30.47
N ASN A 152 -2.09 8.72 -31.37
CA ASN A 152 -3.14 7.73 -31.11
C ASN A 152 -2.48 6.39 -30.70
N CYS A 153 -2.79 5.87 -29.50
CA CYS A 153 -2.21 4.59 -29.02
C CYS A 153 -2.98 3.36 -29.46
N SER A 154 -4.10 3.59 -30.15
CA SER A 154 -4.99 2.51 -30.54
C SER A 154 -4.25 1.45 -31.38
N GLY A 155 -4.27 0.20 -30.93
CA GLY A 155 -3.60 -0.89 -31.65
C GLY A 155 -2.08 -0.88 -31.58
N LYS A 156 -1.49 0.03 -30.78
CA LYS A 156 -0.05 0.04 -30.53
C LYS A 156 0.33 -0.78 -29.29
N ILE A 157 1.60 -1.18 -29.21
CA ILE A 157 2.15 -1.68 -27.96
C ILE A 157 2.78 -0.47 -27.27
N VAL A 158 2.42 -0.25 -26.00
CA VAL A 158 3.02 0.87 -25.30
C VAL A 158 4.14 0.36 -24.45
N ILE A 159 5.19 1.17 -24.36
CA ILE A 159 6.29 0.91 -23.45
C ILE A 159 6.34 2.06 -22.45
N ALA A 160 6.31 1.70 -21.17
CA ALA A 160 6.24 2.70 -20.12
C ALA A 160 7.30 2.46 -19.09
N ARG A 161 7.86 3.54 -18.55
CA ARG A 161 8.70 3.36 -17.40
C ARG A 161 7.91 3.17 -16.14
N TYR A 162 8.43 2.28 -15.31
CA TYR A 162 7.97 2.08 -13.97
C TYR A 162 8.30 3.35 -13.15
N GLY A 163 7.54 3.57 -12.07
CA GLY A 163 7.82 4.69 -11.15
C GLY A 163 6.63 5.64 -10.99
N LYS A 164 6.64 6.48 -9.96
CA LYS A 164 5.60 7.55 -9.74
C LYS A 164 4.25 7.02 -9.23
N VAL A 165 3.70 6.03 -9.92
CA VAL A 165 2.35 5.51 -9.59
C VAL A 165 2.29 3.99 -9.62
N PHE A 166 1.24 3.42 -9.02
CA PHE A 166 0.97 1.97 -9.07
C PHE A 166 0.82 1.43 -10.51
N ARG A 167 1.48 0.28 -10.78
CA ARG A 167 1.53 -0.24 -12.15
C ARG A 167 0.17 -0.64 -12.67
N GLY A 168 -0.74 -0.97 -11.77
CA GLY A 168 -2.10 -1.28 -12.22
C GLY A 168 -2.81 -0.09 -12.88
N ASN A 169 -2.59 1.11 -12.34
CA ASN A 169 -3.12 2.33 -12.99
C ASN A 169 -2.52 2.58 -14.39
N LYS A 170 -1.22 2.32 -14.55
CA LYS A 170 -0.53 2.45 -15.85
C LYS A 170 -1.22 1.56 -16.86
N VAL A 171 -1.52 0.32 -16.46
CA VAL A 171 -2.09 -0.68 -17.35
C VAL A 171 -3.54 -0.29 -17.70
N LYS A 172 -4.31 0.12 -16.67
CA LYS A 172 -5.67 0.64 -16.89
CA LYS A 172 -5.67 0.62 -16.93
C LYS A 172 -5.61 1.78 -17.91
N ASN A 173 -4.67 2.71 -17.69
CA ASN A 173 -4.61 3.92 -18.51
C ASN A 173 -4.21 3.52 -19.95
N ALA A 174 -3.30 2.57 -20.08
CA ALA A 174 -2.90 2.10 -21.43
C ALA A 174 -4.05 1.44 -22.15
N GLN A 175 -4.78 0.62 -21.42
CA GLN A 175 -5.91 -0.10 -21.93
C GLN A 175 -7.00 0.85 -22.42
N LEU A 176 -7.35 1.86 -21.64
CA LEU A 176 -8.36 2.82 -22.08
C LEU A 176 -7.86 3.73 -23.22
N ALA A 177 -6.54 3.85 -23.40
CA ALA A 177 -5.99 4.52 -24.59
C ALA A 177 -6.03 3.63 -25.86
N GLY A 178 -6.48 2.38 -25.72
CA GLY A 178 -6.58 1.42 -26.83
C GLY A 178 -5.31 0.65 -27.19
N ALA A 179 -4.29 0.66 -26.31
CA ALA A 179 -3.09 -0.16 -26.48
C ALA A 179 -3.41 -1.65 -26.63
N LYS A 180 -2.58 -2.39 -27.36
CA LYS A 180 -2.83 -3.81 -27.44
C LYS A 180 -1.85 -4.60 -26.61
N GLY A 181 -0.96 -3.89 -25.91
CA GLY A 181 0.00 -4.55 -25.02
C GLY A 181 0.74 -3.49 -24.27
N VAL A 182 1.36 -3.88 -23.15
CA VAL A 182 2.14 -2.93 -22.36
C VAL A 182 3.46 -3.59 -21.99
N ILE A 183 4.54 -2.85 -22.20
CA ILE A 183 5.84 -3.24 -21.71
C ILE A 183 6.28 -2.29 -20.59
N LEU A 184 6.56 -2.83 -19.40
CA LEU A 184 6.98 -2.01 -18.25
C LEU A 184 8.49 -2.18 -18.11
N TYR A 185 9.24 -1.10 -17.86
CA TYR A 185 10.67 -1.29 -17.65
C TYR A 185 11.17 -0.36 -16.59
N SER A 186 12.29 -0.75 -15.97
CA SER A 186 12.95 0.09 -14.98
C SER A 186 14.05 1.02 -15.57
N ASP A 187 13.78 2.31 -15.64
CA ASP A 187 14.78 3.29 -16.09
C ASP A 187 15.80 3.58 -15.01
N PRO A 188 17.10 3.64 -15.38
CA PRO A 188 18.07 4.04 -14.35
C PRO A 188 17.77 5.39 -13.73
N ALA A 189 17.11 6.28 -14.49
CA ALA A 189 16.70 7.58 -13.91
C ALA A 189 15.84 7.39 -12.65
N ASP A 190 15.06 6.32 -12.62
CA ASP A 190 14.12 6.05 -11.53
C ASP A 190 14.55 4.96 -10.57
N TYR A 191 15.56 4.17 -10.95
CA TYR A 191 15.99 3.02 -10.14
C TYR A 191 17.51 2.89 -9.99
N PHE A 192 18.24 3.97 -10.26
CA PHE A 192 19.70 3.94 -10.10
C PHE A 192 20.14 5.27 -9.49
N ALA A 193 20.45 5.24 -8.21
CA ALA A 193 20.91 6.41 -7.49
C ALA A 193 22.36 6.76 -7.89
N PRO A 194 22.60 8.03 -8.27
CA PRO A 194 23.95 8.49 -8.61
C PRO A 194 25.00 8.18 -7.55
N GLY A 195 26.13 7.63 -8.01
CA GLY A 195 27.28 7.39 -7.13
C GLY A 195 27.21 6.14 -6.28
N VAL A 196 26.18 5.30 -6.48
CA VAL A 196 26.07 4.01 -5.76
C VAL A 196 26.18 2.89 -6.81
N LYS A 197 26.80 1.78 -6.44
CA LYS A 197 27.01 0.67 -7.36
C LYS A 197 25.80 -0.27 -7.43
N SER A 198 25.65 -0.97 -8.56
CA SER A 198 24.66 -2.03 -8.72
CA SER A 198 24.61 -1.99 -8.67
C SER A 198 24.90 -3.17 -7.74
N TYR A 199 23.82 -3.91 -7.39
CA TYR A 199 23.93 -5.11 -6.59
C TYR A 199 24.91 -6.09 -7.31
N PRO A 200 25.82 -6.81 -6.64
CA PRO A 200 25.97 -6.95 -5.19
C PRO A 200 26.91 -5.93 -4.53
N ASP A 201 27.40 -4.97 -5.28
CA ASP A 201 28.37 -4.11 -4.64
CA ASP A 201 28.41 -3.98 -4.87
C ASP A 201 27.79 -2.80 -4.12
N GLY A 202 26.47 -2.62 -4.35
CA GLY A 202 25.74 -1.51 -3.77
C GLY A 202 24.26 -1.84 -3.82
N TRP A 203 23.42 -0.85 -3.57
CA TRP A 203 21.98 -1.10 -3.47
C TRP A 203 21.19 -0.72 -4.72
N ASN A 204 21.89 -0.49 -5.83
CA ASN A 204 21.27 -0.09 -7.11
C ASN A 204 20.78 -1.29 -7.91
N LEU A 205 19.83 -1.03 -8.83
CA LEU A 205 19.30 -2.05 -9.71
C LEU A 205 20.28 -2.21 -10.88
N PRO A 206 20.73 -3.47 -11.14
CA PRO A 206 21.53 -3.70 -12.34
C PRO A 206 20.70 -3.74 -13.61
N GLY A 207 21.39 -3.63 -14.76
CA GLY A 207 20.71 -3.67 -16.05
C GLY A 207 19.88 -4.90 -16.34
N GLY A 208 20.19 -6.02 -15.67
CA GLY A 208 19.42 -7.26 -15.88
C GLY A 208 18.34 -7.47 -14.82
N GLY A 209 18.28 -6.56 -13.84
CA GLY A 209 17.23 -6.60 -12.79
C GLY A 209 15.86 -6.20 -13.31
N VAL A 210 14.82 -6.83 -12.78
CA VAL A 210 13.44 -6.60 -13.25
C VAL A 210 12.50 -6.65 -12.03
N GLN A 211 11.51 -5.74 -12.03
CA GLN A 211 10.54 -5.61 -10.93
C GLN A 211 9.31 -6.47 -11.28
N ARG A 212 9.04 -7.49 -10.49
CA ARG A 212 7.77 -8.23 -10.57
C ARG A 212 6.61 -7.38 -9.98
N GLY A 213 5.38 -7.83 -10.20
CA GLY A 213 4.20 -7.17 -9.53
C GLY A 213 2.92 -7.38 -10.31
N ASN A 214 1.80 -7.50 -9.57
CA ASN A 214 0.50 -7.62 -10.18
C ASN A 214 0.04 -6.30 -10.81
N ILE A 215 -0.84 -6.39 -11.80
CA ILE A 215 -1.33 -5.27 -12.58
C ILE A 215 -2.87 -5.23 -12.54
N LEU A 216 -3.42 -5.69 -11.42
CA LEU A 216 -4.88 -5.68 -11.19
C LEU A 216 -5.39 -4.28 -10.89
N ASN A 217 -6.68 -4.07 -11.12
CA ASN A 217 -7.40 -2.87 -10.58
C ASN A 217 -8.59 -3.37 -9.79
N LEU A 218 -8.29 -3.86 -8.59
CA LEU A 218 -9.33 -4.47 -7.77
C LEU A 218 -10.20 -3.48 -7.03
N ASN A 219 -9.70 -2.29 -6.76
CA ASN A 219 -10.47 -1.29 -5.96
C ASN A 219 -11.06 -1.86 -4.65
N GLY A 220 -10.25 -2.67 -3.98
CA GLY A 220 -10.64 -3.25 -2.71
C GLY A 220 -11.37 -4.55 -2.74
N ALA A 221 -11.58 -5.15 -3.91
CA ALA A 221 -12.46 -6.30 -3.97
C ALA A 221 -11.89 -7.58 -3.36
N GLY A 222 -10.57 -7.72 -3.28
CA GLY A 222 -9.94 -8.99 -2.84
C GLY A 222 -9.92 -9.99 -4.01
N ASP A 223 -10.09 -11.28 -3.73
CA ASP A 223 -10.08 -12.32 -4.79
C ASP A 223 -10.95 -11.89 -5.98
N PRO A 224 -10.38 -11.84 -7.20
CA PRO A 224 -11.17 -11.43 -8.36
C PRO A 224 -12.48 -12.20 -8.58
N LEU A 225 -12.53 -13.46 -8.13
CA LEU A 225 -13.72 -14.31 -8.36
C LEU A 225 -14.84 -14.24 -7.34
N THR A 226 -14.57 -13.66 -6.17
CA THR A 226 -15.55 -13.70 -5.07
C THR A 226 -15.73 -12.34 -4.36
N PRO A 227 -15.91 -11.24 -5.10
CA PRO A 227 -16.02 -9.91 -4.39
C PRO A 227 -17.13 -9.86 -3.35
N GLY A 228 -16.83 -9.41 -2.13
CA GLY A 228 -17.86 -9.34 -1.06
C GLY A 228 -17.91 -10.45 -0.04
N TYR A 229 -17.37 -11.63 -0.40
CA TYR A 229 -17.58 -12.87 0.37
C TYR A 229 -16.29 -13.68 0.39
N PRO A 230 -15.98 -14.35 1.49
CA PRO A 230 -14.75 -15.13 1.53
C PRO A 230 -14.71 -16.30 0.54
N ALA A 231 -13.55 -16.49 -0.07
CA ALA A 231 -13.31 -17.56 -1.03
C ALA A 231 -13.08 -18.88 -0.26
N ASN A 232 -14.14 -19.29 0.43
CA ASN A 232 -14.13 -20.50 1.24
C ASN A 232 -14.43 -21.72 0.37
N GLU A 233 -14.64 -22.85 1.04
CA GLU A 233 -14.77 -24.16 0.38
C GLU A 233 -16.03 -24.26 -0.47
N TYR A 234 -17.11 -23.53 -0.11
CA TYR A 234 -18.35 -23.67 -0.90
C TYR A 234 -18.64 -22.42 -1.74
N ALA A 235 -17.67 -21.49 -1.82
CA ALA A 235 -17.88 -20.21 -2.52
C ALA A 235 -18.35 -20.39 -3.95
N TYR A 236 -19.25 -19.51 -4.40
CA TYR A 236 -19.63 -19.51 -5.78
C TYR A 236 -18.68 -18.49 -6.43
N ARG A 237 -18.08 -18.90 -7.53
CA ARG A 237 -17.08 -18.07 -8.21
C ARG A 237 -17.63 -17.55 -9.49
N ARG A 238 -17.36 -16.28 -9.76
CA ARG A 238 -17.60 -15.72 -11.10
C ARG A 238 -16.79 -16.47 -12.15
N GLY A 239 -17.30 -16.50 -13.39
CA GLY A 239 -16.46 -16.84 -14.53
C GLY A 239 -15.40 -15.77 -14.72
N ILE A 240 -14.28 -16.17 -15.33
CA ILE A 240 -13.16 -15.29 -15.65
C ILE A 240 -13.61 -13.99 -16.32
N ALA A 241 -14.54 -14.09 -17.28
CA ALA A 241 -15.04 -12.94 -18.00
C ALA A 241 -15.70 -11.92 -17.11
N GLU A 242 -16.22 -12.34 -15.94
CA GLU A 242 -16.88 -11.41 -14.99
C GLU A 242 -16.01 -11.11 -13.76
N ALA A 243 -14.78 -11.63 -13.73
CA ALA A 243 -13.88 -11.39 -12.60
C ALA A 243 -13.59 -9.89 -12.41
N VAL A 244 -13.25 -9.50 -11.18
CA VAL A 244 -12.93 -8.10 -10.91
C VAL A 244 -11.46 -7.82 -11.23
N GLY A 245 -11.26 -6.76 -12.00
CA GLY A 245 -9.97 -6.08 -12.05
C GLY A 245 -8.89 -6.65 -12.97
N LEU A 246 -9.22 -7.65 -13.75
CA LEU A 246 -8.22 -8.24 -14.66
C LEU A 246 -7.97 -7.37 -15.88
N PRO A 247 -6.70 -7.30 -16.30
CA PRO A 247 -6.37 -6.51 -17.49
C PRO A 247 -6.77 -7.28 -18.74
N SER A 248 -7.07 -6.54 -19.81
CA SER A 248 -7.56 -7.14 -21.06
CA SER A 248 -7.54 -7.16 -21.05
C SER A 248 -6.47 -7.25 -22.13
N ILE A 249 -5.28 -6.70 -21.85
CA ILE A 249 -4.13 -6.75 -22.80
C ILE A 249 -2.89 -7.33 -22.13
N PRO A 250 -2.02 -8.02 -22.92
CA PRO A 250 -0.83 -8.61 -22.29
C PRO A 250 0.18 -7.58 -21.78
N VAL A 251 0.89 -7.93 -20.70
CA VAL A 251 1.83 -7.03 -20.07
C VAL A 251 3.05 -7.81 -19.59
N HIS A 252 4.22 -7.19 -19.65
CA HIS A 252 5.44 -7.84 -19.23
C HIS A 252 6.50 -6.80 -18.83
N PRO A 253 7.23 -7.06 -17.73
CA PRO A 253 8.26 -6.15 -17.25
C PRO A 253 9.66 -6.59 -17.72
N ILE A 254 10.52 -5.60 -17.99
CA ILE A 254 11.90 -5.87 -18.40
C ILE A 254 12.86 -4.93 -17.68
N GLY A 255 14.16 -5.23 -17.80
CA GLY A 255 15.21 -4.40 -17.23
C GLY A 255 15.72 -3.38 -18.22
N TYR A 256 16.64 -2.51 -17.77
CA TYR A 256 17.10 -1.44 -18.64
C TYR A 256 18.11 -1.83 -19.73
N TYR A 257 18.84 -2.93 -19.55
CA TYR A 257 19.58 -3.47 -20.74
C TYR A 257 18.66 -3.82 -21.89
N ASP A 258 17.60 -4.57 -21.62
CA ASP A 258 16.63 -4.93 -22.65
C ASP A 258 15.80 -3.76 -23.14
N ALA A 259 15.46 -2.83 -22.23
CA ALA A 259 14.71 -1.62 -22.62
C ALA A 259 15.50 -0.79 -23.61
N GLN A 260 16.81 -0.65 -23.35
CA GLN A 260 17.68 0.08 -24.30
C GLN A 260 17.59 -0.43 -25.73
N LYS A 261 17.63 -1.75 -25.88
CA LYS A 261 17.44 -2.39 -27.17
C LYS A 261 16.11 -2.06 -27.82
N LEU A 262 15.05 -1.95 -27.01
CA LEU A 262 13.71 -1.64 -27.55
C LEU A 262 13.51 -0.15 -27.81
N LEU A 263 14.17 0.70 -27.04
CA LEU A 263 13.99 2.14 -27.23
C LEU A 263 14.95 2.76 -28.26
N GLU A 264 16.12 2.14 -28.47
CA GLU A 264 17.17 2.84 -29.23
C GLU A 264 16.76 3.16 -30.67
N LYS A 265 15.89 2.35 -31.26
CA LYS A 265 15.45 2.53 -32.64
C LYS A 265 14.19 3.38 -32.82
N MET A 266 13.65 3.92 -31.73
CA MET A 266 12.35 4.61 -31.79
C MET A 266 12.34 5.89 -32.64
N GLY A 267 11.36 5.98 -33.53
CA GLY A 267 11.14 7.16 -34.40
C GLY A 267 9.96 8.03 -34.01
N GLY A 268 9.29 8.60 -34.99
CA GLY A 268 8.17 9.54 -34.76
C GLY A 268 8.60 10.79 -34.02
N SER A 269 7.74 11.29 -33.14
CA SER A 269 7.96 12.60 -32.49
C SER A 269 9.00 12.55 -31.41
N ALA A 270 9.68 13.66 -31.20
CA ALA A 270 10.60 13.83 -30.09
C ALA A 270 9.83 13.82 -28.76
N PRO A 271 10.51 13.54 -27.62
CA PRO A 271 9.83 13.72 -26.33
C PRO A 271 9.37 15.18 -26.19
N PRO A 272 8.17 15.42 -25.63
CA PRO A 272 7.65 16.79 -25.56
C PRO A 272 8.50 17.72 -24.69
N ASP A 273 9.25 17.15 -23.75
CA ASP A 273 10.11 17.93 -22.83
C ASP A 273 11.00 16.98 -22.02
N SER A 274 11.85 17.54 -21.16
CA SER A 274 12.85 16.78 -20.40
C SER A 274 12.29 15.83 -19.29
N SER A 275 11.05 16.07 -18.83
CA SER A 275 10.38 15.20 -17.82
C SER A 275 9.99 13.84 -18.44
N TRP A 276 10.05 13.77 -19.77
CA TRP A 276 9.86 12.53 -20.55
C TRP A 276 11.15 11.70 -20.82
N ARG A 277 12.32 12.29 -20.53
CA ARG A 277 13.61 11.64 -20.77
C ARG A 277 14.15 11.00 -19.50
N GLY A 278 14.49 9.71 -19.59
CA GLY A 278 15.20 9.01 -18.54
C GLY A 278 16.70 9.17 -18.74
N SER A 279 17.48 8.22 -18.23
CA SER A 279 18.97 8.33 -18.21
C SER A 279 19.70 7.47 -19.23
N LEU A 280 18.97 6.71 -20.05
CA LEU A 280 19.63 5.83 -21.02
C LEU A 280 20.11 6.67 -22.24
N LYS A 281 21.03 6.12 -23.02
CA LYS A 281 21.54 6.86 -24.18
C LYS A 281 20.67 6.57 -25.38
N VAL A 282 19.44 7.06 -25.32
CA VAL A 282 18.46 6.92 -26.38
C VAL A 282 17.73 8.27 -26.49
N PRO A 283 17.06 8.54 -27.63
CA PRO A 283 16.37 9.83 -27.74
C PRO A 283 15.07 9.97 -26.90
N TYR A 284 14.47 8.85 -26.48
CA TYR A 284 13.12 8.85 -25.85
C TYR A 284 12.04 9.41 -26.77
N ASN A 285 12.15 9.11 -28.06
CA ASN A 285 11.11 9.46 -29.02
C ASN A 285 9.84 8.72 -28.67
N VAL A 286 8.72 9.39 -28.86
CA VAL A 286 7.42 8.87 -28.49
C VAL A 286 6.94 7.82 -29.51
N GLY A 287 7.45 7.89 -30.74
CA GLY A 287 6.98 7.00 -31.80
C GLY A 287 5.81 7.63 -32.54
N PRO A 288 4.90 6.84 -33.11
CA PRO A 288 4.94 5.38 -33.10
C PRO A 288 6.03 4.80 -34.01
N GLY A 289 6.40 3.53 -33.77
CA GLY A 289 7.33 2.79 -34.66
C GLY A 289 8.79 3.23 -34.57
N PHE A 290 9.62 2.61 -35.41
CA PHE A 290 11.07 2.85 -35.41
C PHE A 290 11.46 3.85 -36.53
N THR A 291 12.67 4.43 -36.43
CA THR A 291 13.24 5.33 -37.49
C THR A 291 13.46 4.62 -38.84
N GLY A 292 13.46 5.41 -39.92
CA GLY A 292 13.49 4.92 -41.32
C GLY A 292 14.07 3.58 -41.69
N ASN A 293 15.34 3.34 -41.34
CA ASN A 293 16.04 2.09 -41.71
C ASN A 293 15.37 0.84 -41.15
N PHE A 294 14.73 0.99 -39.98
CA PHE A 294 14.15 -0.13 -39.23
C PHE A 294 12.63 -0.07 -39.20
N SER A 295 12.04 0.79 -40.02
CA SER A 295 10.61 1.08 -39.95
C SER A 295 9.70 -0.12 -40.25
N THR A 296 10.22 -1.20 -40.85
CA THR A 296 9.42 -2.41 -41.11
C THR A 296 9.55 -3.47 -40.02
N GLN A 297 10.50 -3.27 -39.12
CA GLN A 297 10.61 -4.10 -37.91
C GLN A 297 9.45 -3.81 -36.94
N LYS A 298 9.07 -4.81 -36.15
CA LYS A 298 7.96 -4.67 -35.18
C LYS A 298 8.31 -5.31 -33.82
N VAL A 299 7.52 -5.01 -32.79
CA VAL A 299 7.70 -5.64 -31.48
C VAL A 299 6.63 -6.73 -31.27
N LYS A 300 7.05 -7.86 -30.71
CA LYS A 300 6.17 -8.97 -30.48
C LYS A 300 6.33 -9.47 -29.04
N MET A 301 5.19 -9.52 -28.36
CA MET A 301 5.13 -10.08 -27.03
C MET A 301 4.76 -11.55 -27.09
N HIS A 302 5.25 -12.33 -26.14
CA HIS A 302 4.85 -13.73 -26.02
C HIS A 302 4.51 -13.99 -24.56
N ILE A 303 3.21 -14.04 -24.24
CA ILE A 303 2.78 -14.21 -22.83
C ILE A 303 1.89 -15.42 -22.72
N HIS A 304 2.29 -16.30 -21.81
CA HIS A 304 1.68 -17.62 -21.65
C HIS A 304 1.33 -17.93 -20.19
N SER A 305 1.43 -16.92 -19.32
CA SER A 305 1.09 -17.10 -17.90
C SER A 305 -0.35 -17.59 -17.78
N THR A 306 -0.66 -18.34 -16.70
CA THR A 306 -2.04 -18.79 -16.49
C THR A 306 -2.59 -18.33 -15.13
N ASN A 307 -3.88 -18.05 -15.10
CA ASN A 307 -4.56 -17.72 -13.85
C ASN A 307 -5.09 -19.03 -13.29
N GLU A 308 -4.93 -19.27 -12.00
CA GLU A 308 -5.38 -20.53 -11.40
C GLU A 308 -5.81 -20.30 -9.99
N VAL A 309 -6.92 -20.93 -9.64
CA VAL A 309 -7.42 -20.89 -8.26
C VAL A 309 -6.49 -21.76 -7.41
N THR A 310 -5.94 -21.20 -6.33
CA THR A 310 -4.82 -21.77 -5.59
C THR A 310 -5.11 -21.51 -4.11
N ARG A 311 -4.75 -22.44 -3.24
CA ARG A 311 -5.00 -22.26 -1.81
C ARG A 311 -3.90 -21.39 -1.18
N ILE A 312 -4.34 -20.45 -0.33
CA ILE A 312 -3.45 -19.53 0.40
C ILE A 312 -3.74 -19.66 1.89
N TYR A 313 -2.77 -19.30 2.73
CA TYR A 313 -2.86 -19.49 4.17
C TYR A 313 -2.50 -18.29 5.01
N ASN A 314 -3.45 -17.80 5.81
CA ASN A 314 -3.09 -16.78 6.79
C ASN A 314 -2.79 -17.44 8.12
N VAL A 315 -1.83 -16.91 8.87
CA VAL A 315 -1.68 -17.36 10.26
C VAL A 315 -2.30 -16.28 11.15
N ILE A 316 -3.18 -16.71 12.07
CA ILE A 316 -3.91 -15.78 12.98
C ILE A 316 -3.60 -16.17 14.42
N GLY A 317 -2.88 -15.30 15.14
CA GLY A 317 -2.55 -15.52 16.55
C GLY A 317 -3.42 -14.66 17.45
N THR A 318 -3.85 -15.21 18.59
CA THR A 318 -4.73 -14.47 19.53
C THR A 318 -4.07 -14.42 20.91
N LEU A 319 -4.02 -13.23 21.49
CA LEU A 319 -3.63 -13.04 22.88
C LEU A 319 -4.86 -12.40 23.54
N ARG A 320 -5.66 -13.23 24.21
CA ARG A 320 -6.92 -12.76 24.84
C ARG A 320 -6.73 -11.65 25.89
N GLY A 321 -7.52 -10.58 25.73
CA GLY A 321 -7.57 -9.46 26.65
C GLY A 321 -8.12 -9.91 28.01
N ALA A 322 -7.57 -9.32 29.07
CA ALA A 322 -7.99 -9.65 30.45
C ALA A 322 -9.30 -8.95 30.83
N VAL A 323 -9.53 -7.75 30.30
CA VAL A 323 -10.69 -6.90 30.75
C VAL A 323 -11.72 -6.75 29.60
N GLU A 324 -11.25 -6.39 28.39
CA GLU A 324 -12.14 -6.35 27.22
C GLU A 324 -11.69 -7.31 26.12
N PRO A 325 -11.94 -8.64 26.30
CA PRO A 325 -11.55 -9.62 25.29
C PRO A 325 -12.30 -9.45 23.96
N ASP A 326 -13.45 -8.76 24.00
CA ASP A 326 -14.23 -8.49 22.80
C ASP A 326 -13.82 -7.17 22.14
N ARG A 327 -12.61 -6.69 22.42
CA ARG A 327 -12.08 -5.55 21.72
C ARG A 327 -10.76 -5.95 21.09
N TYR A 328 -10.61 -5.68 19.79
CA TYR A 328 -9.47 -6.29 19.01
C TYR A 328 -8.52 -5.24 18.52
N VAL A 329 -7.23 -5.38 18.90
CA VAL A 329 -6.16 -4.53 18.33
C VAL A 329 -5.37 -5.51 17.44
N ILE A 330 -5.21 -5.16 16.15
CA ILE A 330 -4.66 -6.08 15.16
C ILE A 330 -3.30 -5.60 14.68
N LEU A 331 -2.30 -6.49 14.78
CA LEU A 331 -0.98 -6.26 14.10
C LEU A 331 -0.84 -7.24 12.97
N GLY A 332 -0.77 -6.76 11.73
CA GLY A 332 -0.88 -7.71 10.58
C GLY A 332 0.11 -7.26 9.50
N GLY A 333 0.77 -8.21 8.88
CA GLY A 333 1.59 -7.89 7.69
C GLY A 333 1.73 -9.20 6.95
N HIS A 334 2.12 -9.14 5.69
CA HIS A 334 2.13 -10.33 4.88
C HIS A 334 3.43 -11.14 4.95
N ARG A 335 3.38 -12.35 4.42
CA ARG A 335 4.47 -13.33 4.52
C ARG A 335 4.96 -13.77 3.14
N ASP A 336 4.04 -13.79 2.16
CA ASP A 336 4.39 -14.14 0.77
C ASP A 336 5.32 -13.10 0.15
N SER A 337 6.22 -13.57 -0.69
CA SER A 337 7.19 -12.67 -1.36
C SER A 337 7.23 -12.98 -2.84
N TRP A 338 7.79 -12.04 -3.63
CA TRP A 338 8.00 -12.27 -5.05
C TRP A 338 9.14 -13.27 -5.23
N VAL A 339 10.26 -13.04 -4.54
CA VAL A 339 11.34 -14.04 -4.50
C VAL A 339 11.79 -14.21 -3.07
N PHE A 340 12.91 -13.66 -2.66
CA PHE A 340 13.43 -13.92 -1.32
C PHE A 340 12.83 -13.02 -0.25
N GLY A 341 12.31 -11.88 -0.67
CA GLY A 341 11.60 -10.97 0.27
C GLY A 341 12.48 -10.33 1.33
N GLY A 342 13.75 -10.07 0.96
CA GLY A 342 14.74 -9.55 1.91
C GLY A 342 14.23 -8.29 2.59
N ILE A 343 13.65 -7.37 1.81
CA ILE A 343 12.96 -6.21 2.41
C ILE A 343 11.46 -6.52 2.53
N ASP A 344 10.86 -6.88 1.40
CA ASP A 344 9.39 -6.89 1.19
C ASP A 344 8.97 -8.39 1.07
N PRO A 345 8.40 -9.03 2.11
CA PRO A 345 7.94 -8.43 3.38
C PRO A 345 8.75 -8.84 4.60
N GLN A 346 9.81 -9.63 4.45
CA GLN A 346 10.37 -10.27 5.63
C GLN A 346 11.02 -9.34 6.64
N SER A 347 11.46 -8.16 6.20
N SER A 347 11.48 -8.18 6.20
CA SER A 347 11.95 -7.12 7.15
CA SER A 347 11.92 -7.14 7.13
C SER A 347 10.82 -6.63 8.07
C SER A 347 10.80 -6.86 8.12
N GLY A 348 9.58 -6.74 7.61
CA GLY A 348 8.39 -6.52 8.45
C GLY A 348 8.00 -7.73 9.24
N ALA A 349 7.96 -8.90 8.59
CA ALA A 349 7.57 -10.14 9.27
C ALA A 349 8.48 -10.54 10.40
N ALA A 350 9.77 -10.18 10.27
CA ALA A 350 10.74 -10.52 11.34
C ALA A 350 10.50 -9.64 12.54
N VAL A 351 10.14 -8.38 12.28
CA VAL A 351 9.74 -7.41 13.29
C VAL A 351 8.46 -7.90 14.01
N VAL A 352 7.44 -8.34 13.26
CA VAL A 352 6.22 -8.90 13.90
C VAL A 352 6.58 -10.08 14.81
N HIS A 353 7.47 -10.95 14.31
CA HIS A 353 7.84 -12.19 15.00
C HIS A 353 8.44 -11.88 16.36
N GLU A 354 9.31 -10.89 16.40
CA GLU A 354 9.94 -10.43 17.65
C GLU A 354 8.94 -9.68 18.56
N ILE A 355 8.01 -8.93 17.97
CA ILE A 355 6.91 -8.33 18.76
C ILE A 355 6.11 -9.42 19.48
N VAL A 356 5.67 -10.46 18.75
CA VAL A 356 4.94 -11.62 19.33
C VAL A 356 5.76 -12.24 20.46
N ARG A 357 7.05 -12.42 20.19
CA ARG A 357 7.93 -13.07 21.16
C ARG A 357 7.96 -12.24 22.44
N SER A 358 8.12 -10.91 22.31
CA SER A 358 8.14 -10.03 23.50
C SER A 358 6.82 -10.04 24.28
N PHE A 359 5.67 -9.94 23.59
CA PHE A 359 4.37 -10.00 24.26
C PHE A 359 4.22 -11.33 24.98
N GLY A 360 4.65 -12.41 24.33
CA GLY A 360 4.61 -13.74 24.91
C GLY A 360 5.47 -13.89 26.16
N THR A 361 6.62 -13.21 26.20
CA THR A 361 7.47 -13.25 27.40
C THR A 361 6.67 -12.70 28.59
N LEU A 362 6.07 -11.52 28.41
CA LEU A 362 5.21 -10.91 29.43
C LEU A 362 4.06 -11.81 29.82
N LYS A 363 3.40 -12.42 28.83
CA LYS A 363 2.29 -13.31 29.08
CA LYS A 363 2.30 -13.33 29.05
C LYS A 363 2.72 -14.46 29.99
N LYS A 364 3.88 -15.06 29.69
CA LYS A 364 4.38 -16.18 30.49
C LYS A 364 4.69 -15.81 31.95
N GLU A 365 5.00 -14.55 32.19
CA GLU A 365 5.17 -14.01 33.57
C GLU A 365 3.85 -13.56 34.21
N GLY A 366 2.74 -13.89 33.56
CA GLY A 366 1.38 -13.72 34.12
C GLY A 366 0.57 -12.51 33.62
N TRP A 367 1.14 -11.70 32.72
CA TRP A 367 0.48 -10.49 32.23
C TRP A 367 -0.46 -10.79 31.07
N ARG A 368 -1.49 -9.96 30.93
CA ARG A 368 -2.36 -9.94 29.75
C ARG A 368 -2.62 -8.51 29.40
N PRO A 369 -2.75 -8.21 28.08
CA PRO A 369 -3.19 -6.87 27.75
C PRO A 369 -4.65 -6.68 28.17
N ARG A 370 -5.08 -5.44 28.33
CA ARG A 370 -6.48 -5.13 28.67
C ARG A 370 -7.45 -5.67 27.57
N ARG A 371 -7.15 -5.31 26.32
CA ARG A 371 -7.91 -5.77 25.12
C ARG A 371 -7.18 -6.92 24.40
N THR A 372 -7.93 -7.68 23.61
CA THR A 372 -7.38 -8.76 22.80
C THR A 372 -6.46 -8.18 21.69
N ILE A 373 -5.29 -8.82 21.53
CA ILE A 373 -4.40 -8.51 20.40
C ILE A 373 -4.46 -9.70 19.45
N LEU A 374 -4.68 -9.40 18.16
CA LEU A 374 -4.65 -10.40 17.12
C LEU A 374 -3.42 -10.11 16.26
N PHE A 375 -2.69 -11.19 15.94
CA PHE A 375 -1.45 -11.11 15.12
C PHE A 375 -1.73 -11.90 13.86
N ALA A 376 -1.38 -11.30 12.72
CA ALA A 376 -1.67 -11.92 11.42
C ALA A 376 -0.43 -11.97 10.53
N SER A 377 -0.24 -13.15 9.95
CA SER A 377 0.72 -13.38 8.86
C SER A 377 -0.07 -13.58 7.57
N TRP A 378 -0.22 -12.53 6.76
CA TRP A 378 -1.13 -12.64 5.61
C TRP A 378 -0.47 -13.32 4.44
N ASP A 379 -1.31 -14.00 3.64
CA ASP A 379 -0.81 -14.59 2.41
C ASP A 379 -1.36 -13.82 1.23
N ALA A 380 -0.68 -14.05 0.09
CA ALA A 380 -1.06 -13.51 -1.20
C ALA A 380 -1.24 -11.93 -1.21
N GLU A 381 -0.48 -11.18 -0.41
CA GLU A 381 -0.59 -9.73 -0.53
C GLU A 381 -0.13 -9.30 -1.92
N GLU A 382 0.91 -9.97 -2.44
CA GLU A 382 1.55 -9.48 -3.68
C GLU A 382 0.63 -9.66 -4.85
N PHE A 383 -0.38 -10.50 -4.62
CA PHE A 383 -1.30 -10.75 -5.72
C PHE A 383 -2.62 -9.99 -5.58
N GLY A 384 -2.67 -8.99 -4.69
CA GLY A 384 -3.84 -8.12 -4.61
C GLY A 384 -4.45 -8.01 -3.24
N LEU A 385 -3.63 -8.14 -2.22
CA LEU A 385 -4.07 -8.01 -0.80
C LEU A 385 -5.11 -9.11 -0.55
N LEU A 386 -4.87 -10.30 -1.12
CA LEU A 386 -5.93 -11.30 -1.15
C LEU A 386 -6.16 -11.95 0.20
N GLY A 387 -5.10 -12.34 0.89
CA GLY A 387 -5.22 -12.97 2.22
C GLY A 387 -5.91 -12.06 3.26
N SER A 388 -5.45 -10.83 3.43
CA SER A 388 -6.07 -9.91 4.41
C SER A 388 -7.55 -9.67 4.03
N THR A 389 -7.83 -9.40 2.76
CA THR A 389 -9.21 -9.08 2.32
C THR A 389 -10.18 -10.26 2.50
N GLU A 390 -9.79 -11.48 2.11
CA GLU A 390 -10.73 -12.63 2.27
C GLU A 390 -11.01 -12.85 3.74
N TRP A 391 -9.98 -12.74 4.58
CA TRP A 391 -10.18 -12.98 6.01
C TRP A 391 -11.11 -11.90 6.62
N ALA A 392 -10.89 -10.66 6.26
CA ALA A 392 -11.74 -9.56 6.73
C ALA A 392 -13.16 -9.69 6.21
N GLU A 393 -13.33 -10.19 4.97
CA GLU A 393 -14.68 -10.52 4.45
C GLU A 393 -15.37 -11.62 5.26
N GLU A 394 -14.59 -12.63 5.66
N GLU A 394 -14.59 -12.64 5.63
CA GLU A 394 -15.14 -13.70 6.47
CA GLU A 394 -15.09 -13.73 6.47
C GLU A 394 -15.56 -13.15 7.81
C GLU A 394 -15.50 -13.23 7.85
N ASN A 395 -14.73 -12.30 8.39
CA ASN A 395 -14.90 -11.87 9.81
C ASN A 395 -15.44 -10.44 9.94
N SER A 396 -16.09 -9.95 8.90
CA SER A 396 -16.44 -8.50 8.86
C SER A 396 -17.35 -8.07 10.02
N ARG A 397 -18.27 -8.92 10.45
CA ARG A 397 -19.20 -8.52 11.54
C ARG A 397 -18.46 -8.41 12.84
N LEU A 398 -17.52 -9.32 13.03
CA LEU A 398 -16.70 -9.21 14.25
C LEU A 398 -15.84 -7.96 14.20
N LEU A 399 -15.23 -7.71 13.06
CA LEU A 399 -14.30 -6.57 12.98
C LEU A 399 -15.03 -5.23 13.06
N GLN A 400 -16.19 -5.09 12.45
N GLN A 400 -16.20 -5.18 12.41
CA GLN A 400 -16.81 -3.79 12.53
CA GLN A 400 -17.15 -4.06 12.42
C GLN A 400 -17.44 -3.48 13.91
C GLN A 400 -17.42 -3.57 13.83
N GLU A 401 -17.81 -4.51 14.69
CA GLU A 401 -18.35 -4.21 16.03
C GLU A 401 -17.29 -4.24 17.12
N ARG A 402 -16.13 -4.83 16.83
CA ARG A 402 -15.11 -5.03 17.89
C ARG A 402 -13.72 -4.44 17.59
N GLY A 403 -13.54 -3.97 16.36
CA GLY A 403 -12.20 -3.62 15.86
C GLY A 403 -11.79 -2.27 16.34
N VAL A 404 -10.82 -2.23 17.24
CA VAL A 404 -10.31 -0.98 17.73
C VAL A 404 -9.35 -0.35 16.74
N ALA A 405 -8.36 -1.13 16.26
CA ALA A 405 -7.33 -0.54 15.42
C ALA A 405 -6.58 -1.62 14.69
N TYR A 406 -6.00 -1.23 13.55
CA TYR A 406 -5.17 -2.11 12.74
C TYR A 406 -3.83 -1.40 12.50
N ILE A 407 -2.74 -2.08 12.89
CA ILE A 407 -1.37 -1.58 12.61
C ILE A 407 -0.76 -2.52 11.52
N ASN A 408 -0.38 -1.97 10.36
CA ASN A 408 0.19 -2.82 9.32
C ASN A 408 1.67 -3.13 9.64
N ALA A 409 2.24 -4.13 8.96
CA ALA A 409 3.64 -4.49 9.24
C ALA A 409 4.31 -5.16 8.06
N ASP A 410 4.27 -4.48 6.93
CA ASP A 410 5.07 -4.91 5.78
C ASP A 410 6.47 -4.32 5.95
N SER A 411 7.21 -4.05 4.89
CA SER A 411 8.65 -3.70 5.02
C SER A 411 8.96 -2.72 6.16
N SER A 412 9.91 -3.11 7.02
CA SER A 412 10.35 -2.22 8.12
C SER A 412 11.27 -1.09 7.65
N ILE A 413 11.88 -1.24 6.47
CA ILE A 413 12.85 -0.25 5.97
C ILE A 413 12.65 -0.08 4.48
N GLU A 414 12.77 1.15 4.02
CA GLU A 414 12.88 1.43 2.57
C GLU A 414 14.01 2.48 2.38
N GLY A 415 14.79 2.67 3.43
CA GLY A 415 15.88 3.62 3.44
C GLY A 415 16.42 3.66 4.87
N ASN A 416 17.35 4.56 5.13
CA ASN A 416 17.98 4.57 6.45
C ASN A 416 18.09 6.02 6.98
N TYR A 417 17.20 6.88 6.50
CA TYR A 417 17.24 8.31 6.81
C TYR A 417 16.42 8.71 8.03
N THR A 418 15.12 8.44 8.01
CA THR A 418 14.24 8.86 9.11
C THR A 418 12.98 7.99 9.21
N LEU A 419 12.15 8.26 10.22
CA LEU A 419 10.85 7.59 10.32
C LEU A 419 9.86 8.07 9.28
N ARG A 420 9.01 7.15 8.85
CA ARG A 420 7.85 7.45 8.04
C ARG A 420 6.64 6.86 8.79
N VAL A 421 5.61 7.70 8.98
CA VAL A 421 4.32 7.18 9.56
C VAL A 421 3.20 7.66 8.63
N ASP A 422 2.28 6.75 8.24
CA ASP A 422 1.03 7.15 7.57
C ASP A 422 -0.07 6.56 8.46
N CYS A 423 -1.08 7.35 8.84
CA CYS A 423 -2.09 6.84 9.75
C CYS A 423 -3.28 7.80 9.76
N THR A 424 -4.37 7.28 10.29
CA THR A 424 -5.52 8.12 10.61
C THR A 424 -5.11 9.28 11.57
N PRO A 425 -5.75 10.47 11.41
CA PRO A 425 -5.58 11.54 12.40
C PRO A 425 -5.82 11.07 13.84
N LEU A 426 -6.66 10.05 14.04
CA LEU A 426 -6.98 9.60 15.38
C LEU A 426 -5.74 9.08 16.09
N MET A 427 -4.72 8.67 15.35
CA MET A 427 -3.47 8.18 15.96
C MET A 427 -2.33 9.19 16.03
N TYR A 428 -2.52 10.43 15.58
CA TYR A 428 -1.42 11.43 15.61
C TYR A 428 -0.82 11.65 17.00
N SER A 429 -1.68 11.90 17.99
CA SER A 429 -1.20 12.14 19.35
C SER A 429 -0.50 10.95 19.95
N LEU A 430 -1.07 9.75 19.77
CA LEU A 430 -0.43 8.51 20.16
C LEU A 430 1.01 8.42 19.59
N VAL A 431 1.16 8.72 18.29
CA VAL A 431 2.46 8.60 17.61
C VAL A 431 3.46 9.66 18.10
N HIS A 432 3.01 10.91 18.23
CA HIS A 432 3.86 11.97 18.80
C HIS A 432 4.36 11.60 20.18
N ASN A 433 3.44 11.13 21.03
CA ASN A 433 3.80 10.78 22.42
C ASN A 433 4.72 9.58 22.47
N LEU A 434 4.45 8.56 21.67
CA LEU A 434 5.28 7.36 21.71
C LEU A 434 6.71 7.66 21.27
N THR A 435 6.84 8.37 20.15
CA THR A 435 8.16 8.68 19.58
C THR A 435 9.01 9.59 20.48
N LYS A 436 8.35 10.38 21.35
CA LYS A 436 9.04 11.23 22.33
C LYS A 436 9.69 10.37 23.40
N GLU A 437 9.23 9.13 23.56
CA GLU A 437 9.70 8.22 24.60
CA GLU A 437 9.73 8.24 24.61
C GLU A 437 10.69 7.19 24.03
N LEU A 438 10.92 7.24 22.73
CA LEU A 438 11.85 6.26 22.10
C LEU A 438 13.18 6.95 21.76
N LYS A 439 14.28 6.20 21.83
CA LYS A 439 15.61 6.77 21.46
C LYS A 439 15.79 6.84 19.95
N SER A 440 16.33 7.95 19.44
CA SER A 440 16.67 7.97 18.03
C SER A 440 17.83 6.98 17.75
N PRO A 441 17.75 6.22 16.64
CA PRO A 441 18.88 5.39 16.26
C PRO A 441 19.85 6.12 15.30
N ASP A 442 19.54 7.38 14.96
CA ASP A 442 20.25 8.12 13.92
C ASP A 442 21.60 8.65 14.41
N GLU A 443 22.59 8.65 13.51
CA GLU A 443 23.92 9.22 13.78
C GLU A 443 23.74 10.71 13.99
N GLY A 444 24.33 11.22 15.07
CA GLY A 444 24.23 12.64 15.40
C GLY A 444 23.05 13.00 16.29
N PHE A 445 22.24 12.01 16.64
CA PHE A 445 21.09 12.22 17.55
C PHE A 445 21.20 11.24 18.70
N GLU A 446 22.43 10.88 19.08
CA GLU A 446 22.64 9.96 20.19
C GLU A 446 22.10 10.61 21.47
N GLY A 447 21.36 9.86 22.26
CA GLY A 447 20.70 10.42 23.47
C GLY A 447 19.53 11.38 23.22
N LYS A 448 19.15 11.60 21.96
CA LYS A 448 17.94 12.35 21.60
C LYS A 448 16.77 11.38 21.36
N SER A 449 15.55 11.92 21.35
CA SER A 449 14.32 11.10 21.14
C SER A 449 14.17 10.87 19.64
N LEU A 450 13.48 9.79 19.28
CA LEU A 450 13.03 9.57 17.90
C LEU A 450 12.16 10.71 17.39
N TYR A 451 11.29 11.24 18.27
CA TYR A 451 10.52 12.42 17.90
C TYR A 451 11.42 13.56 17.42
N GLU A 452 12.51 13.83 18.14
CA GLU A 452 13.41 14.93 17.74
C GLU A 452 14.09 14.75 16.35
N SER A 453 14.63 13.55 16.11
CA SER A 453 15.33 13.29 14.85
C SER A 453 14.34 13.29 13.68
N TRP A 454 13.22 12.60 13.88
CA TRP A 454 12.12 12.61 12.92
C TRP A 454 11.60 14.00 12.57
N THR A 455 11.31 14.82 13.58
CA THR A 455 10.79 16.17 13.34
C THR A 455 11.82 17.03 12.60
N LYS A 456 13.08 16.90 12.98
CA LYS A 456 14.14 17.65 12.30
C LYS A 456 14.25 17.22 10.84
N LYS A 457 14.26 15.92 10.57
CA LYS A 457 14.45 15.43 9.20
C LYS A 457 13.18 15.49 8.32
N SER A 458 12.02 15.52 8.95
CA SER A 458 10.78 15.42 8.20
C SER A 458 9.76 16.38 8.81
N PRO A 459 9.99 17.71 8.67
CA PRO A 459 9.14 18.65 9.39
C PRO A 459 7.76 18.72 8.77
N SER A 460 6.76 18.92 9.58
CA SER A 460 5.41 19.15 9.07
C SER A 460 5.39 20.43 8.24
N PRO A 461 4.68 20.43 7.09
CA PRO A 461 4.61 21.72 6.41
C PRO A 461 3.64 22.73 7.07
N GLU A 462 2.68 22.28 7.88
CA GLU A 462 1.74 23.20 8.55
C GLU A 462 2.24 23.75 9.86
N PHE A 463 2.92 22.90 10.64
CA PHE A 463 3.14 23.19 12.06
C PHE A 463 4.61 23.05 12.48
N SER A 464 5.19 24.14 12.95
CA SER A 464 6.55 24.12 13.48
C SER A 464 6.68 23.19 14.66
N GLY A 465 7.78 22.43 14.71
CA GLY A 465 8.07 21.58 15.87
C GLY A 465 7.33 20.25 15.85
N MET A 466 6.62 19.98 14.75
CA MET A 466 5.86 18.72 14.53
CA MET A 466 5.92 18.71 14.56
C MET A 466 6.41 17.99 13.30
N PRO A 467 6.33 16.64 13.29
CA PRO A 467 6.74 15.87 12.10
C PRO A 467 5.64 15.73 11.02
N ARG A 468 6.02 15.45 9.79
CA ARG A 468 5.06 15.17 8.73
C ARG A 468 4.54 13.74 8.87
N ILE A 469 3.21 13.58 8.81
CA ILE A 469 2.57 12.26 8.79
C ILE A 469 1.62 12.25 7.59
N SER A 470 1.84 11.31 6.68
CA SER A 470 1.03 11.21 5.47
C SER A 470 -0.31 10.55 5.75
N LYS A 471 -1.26 10.84 4.87
CA LYS A 471 -2.55 10.11 4.80
CA LYS A 471 -2.52 10.11 4.90
C LYS A 471 -2.24 8.69 4.40
N LEU A 472 -3.06 7.73 4.86
CA LEU A 472 -2.96 6.35 4.37
C LEU A 472 -3.38 6.33 2.92
N GLY A 473 -2.58 5.63 2.10
CA GLY A 473 -2.93 5.44 0.70
C GLY A 473 -3.40 4.03 0.63
N SER A 474 -2.77 3.22 -0.24
N SER A 474 -2.82 3.24 -0.28
CA SER A 474 -3.11 1.81 -0.33
CA SER A 474 -3.10 1.81 -0.39
C SER A 474 -1.91 1.04 -0.97
C SER A 474 -1.94 1.10 -1.07
N GLY A 475 -2.20 -0.10 -1.57
CA GLY A 475 -1.14 -0.99 -2.05
C GLY A 475 -0.57 -1.76 -0.88
N ASN A 476 -1.36 -1.90 0.21
CA ASN A 476 -0.96 -2.74 1.31
C ASN A 476 -2.15 -3.24 2.16
N ASP A 477 -1.89 -4.15 3.11
CA ASP A 477 -2.98 -4.98 3.72
C ASP A 477 -3.90 -4.23 4.70
N PHE A 478 -3.62 -3.00 5.06
CA PHE A 478 -4.60 -2.18 5.80
C PHE A 478 -5.83 -1.79 4.96
N GLU A 479 -5.80 -1.97 3.64
CA GLU A 479 -6.86 -1.38 2.80
C GLU A 479 -8.27 -1.88 3.21
N VAL A 480 -8.46 -3.20 3.41
CA VAL A 480 -9.78 -3.71 3.80
C VAL A 480 -10.21 -3.12 5.18
N PHE A 481 -9.27 -3.04 6.12
CA PHE A 481 -9.58 -2.58 7.46
C PHE A 481 -9.93 -1.11 7.52
N PHE A 482 -9.20 -0.27 6.76
CA PHE A 482 -9.44 1.18 6.80
C PHE A 482 -10.53 1.64 5.82
N GLN A 483 -10.28 1.49 4.50
CA GLN A 483 -11.21 2.07 3.52
C GLN A 483 -12.51 1.26 3.33
N ARG A 484 -12.46 -0.06 3.60
CA ARG A 484 -13.71 -0.83 3.60
C ARG A 484 -14.49 -0.82 4.92
N LEU A 485 -13.83 -1.23 5.97
CA LEU A 485 -14.49 -1.41 7.26
C LEU A 485 -14.42 -0.20 8.21
N GLY A 486 -13.59 0.80 7.95
CA GLY A 486 -13.47 1.98 8.85
C GLY A 486 -12.91 1.70 10.23
N ILE A 487 -11.88 0.86 10.27
CA ILE A 487 -11.15 0.60 11.54
C ILE A 487 -9.92 1.55 11.50
N ALA A 488 -9.67 2.33 12.58
CA ALA A 488 -8.53 3.25 12.69
C ALA A 488 -7.25 2.51 12.35
N SER A 489 -6.46 3.02 11.39
CA SER A 489 -5.33 2.19 10.92
C SER A 489 -4.06 3.03 10.85
N GLY A 490 -2.92 2.34 10.95
CA GLY A 490 -1.62 3.08 10.85
C GLY A 490 -0.52 2.15 10.28
N ARG A 491 0.57 2.74 9.80
CA ARG A 491 1.75 2.00 9.35
C ARG A 491 3.00 2.86 9.70
N ALA A 492 4.15 2.21 9.85
CA ALA A 492 5.39 2.99 10.15
C ALA A 492 6.61 2.18 9.64
N ARG A 493 7.61 2.86 9.11
CA ARG A 493 8.84 2.15 8.67
C ARG A 493 9.92 3.20 8.60
N TYR A 494 11.19 2.77 8.48
CA TYR A 494 12.25 3.73 8.15
C TYR A 494 12.23 3.97 6.67
N THR A 495 12.64 5.18 6.26
CA THR A 495 12.54 5.60 4.85
C THR A 495 13.76 6.44 4.43
N LYS A 496 13.83 6.76 3.13
CA LYS A 496 14.89 7.57 2.54
C LYS A 496 14.57 9.06 2.62
N ASN A 497 15.56 9.89 2.30
CA ASN A 497 15.37 11.33 2.19
C ASN A 497 14.85 11.58 0.80
N TRP A 498 13.54 11.84 0.63
CA TRP A 498 12.94 12.07 -0.71
C TRP A 498 13.36 13.43 -1.34
N GLU A 499 13.86 14.36 -0.51
CA GLU A 499 14.24 15.71 -0.99
C GLU A 499 15.50 15.65 -1.84
N THR A 500 16.38 14.71 -1.52
CA THR A 500 17.70 14.63 -2.15
C THR A 500 17.79 13.38 -3.03
N ASN A 501 16.84 12.45 -2.85
CA ASN A 501 16.80 11.21 -3.61
C ASN A 501 15.49 11.08 -4.38
N LYS A 502 15.58 11.27 -5.68
CA LYS A 502 14.42 11.45 -6.57
C LYS A 502 13.82 10.17 -7.20
N PHE A 503 14.53 9.05 -7.03
CA PHE A 503 14.09 7.72 -7.49
C PHE A 503 12.76 7.21 -6.79
N SER A 504 12.05 6.29 -7.47
CA SER A 504 10.77 5.75 -7.01
C SER A 504 11.01 4.53 -6.13
N GLY A 505 10.56 4.57 -4.88
CA GLY A 505 10.72 3.44 -3.95
C GLY A 505 12.20 3.16 -3.66
N TYR A 506 12.53 1.91 -3.30
CA TYR A 506 13.96 1.48 -3.19
C TYR A 506 14.31 0.71 -4.49
N PRO A 507 15.56 0.84 -5.00
CA PRO A 507 15.87 0.34 -6.34
C PRO A 507 15.60 -1.13 -6.59
N LEU A 508 15.82 -1.99 -5.58
CA LEU A 508 15.76 -3.47 -5.79
C LEU A 508 14.42 -4.08 -5.46
N TYR A 509 13.41 -3.22 -5.26
CA TYR A 509 12.02 -3.63 -4.98
C TYR A 509 11.52 -4.71 -5.94
N HIS A 510 11.07 -5.86 -5.41
CA HIS A 510 10.40 -6.97 -6.14
C HIS A 510 11.34 -7.66 -7.21
N SER A 511 12.64 -7.50 -7.03
CA SER A 511 13.64 -8.16 -7.86
C SER A 511 14.30 -9.33 -7.07
N VAL A 512 14.95 -10.26 -7.77
CA VAL A 512 15.73 -11.35 -7.13
C VAL A 512 16.83 -10.83 -6.21
N TYR A 513 17.28 -9.59 -6.45
CA TYR A 513 18.41 -9.00 -5.70
C TYR A 513 18.01 -8.53 -4.32
N GLU A 514 16.70 -8.56 -4.03
CA GLU A 514 16.23 -8.15 -2.70
C GLU A 514 16.39 -9.30 -1.71
N THR A 515 17.55 -9.33 -1.06
CA THR A 515 17.97 -10.47 -0.26
C THR A 515 18.35 -10.07 1.16
N TYR A 516 18.55 -11.07 2.01
CA TYR A 516 19.12 -10.87 3.34
C TYR A 516 20.38 -9.98 3.28
N GLU A 517 21.26 -10.26 2.31
CA GLU A 517 22.54 -9.52 2.22
C GLU A 517 22.33 -8.08 1.85
N LEU A 518 21.31 -7.81 1.05
CA LEU A 518 20.98 -6.40 0.78
C LEU A 518 20.79 -5.61 2.06
N VAL A 519 20.05 -6.20 3.00
CA VAL A 519 19.73 -5.52 4.24
C VAL A 519 20.95 -5.48 5.18
N GLU A 520 21.57 -6.63 5.39
CA GLU A 520 22.69 -6.76 6.32
C GLU A 520 23.92 -5.92 5.90
N LYS A 521 24.17 -5.81 4.59
CA LYS A 521 25.33 -5.07 4.11
C LYS A 521 25.09 -3.56 3.87
N PHE A 522 23.91 -3.19 3.34
CA PHE A 522 23.67 -1.82 2.87
C PHE A 522 22.63 -1.03 3.68
N TYR A 523 21.53 -1.68 4.09
CA TYR A 523 20.42 -0.90 4.67
C TYR A 523 20.56 -0.72 6.17
N ASP A 524 20.81 -1.82 6.89
CA ASP A 524 20.73 -1.81 8.34
C ASP A 524 21.65 -2.82 9.00
N PRO A 525 23.01 -2.62 8.86
CA PRO A 525 24.00 -3.55 9.41
C PRO A 525 23.78 -3.94 10.86
N MET A 526 23.42 -2.97 11.72
CA MET A 526 23.28 -3.20 13.17
CA MET A 526 23.28 -3.14 13.17
C MET A 526 21.84 -3.55 13.57
N PHE A 527 20.93 -3.51 12.59
CA PHE A 527 19.51 -3.85 12.83
C PHE A 527 18.83 -2.89 13.80
N LYS A 528 19.43 -1.70 13.91
CA LYS A 528 18.91 -0.65 14.80
C LYS A 528 17.68 0.01 14.22
N TYR A 529 17.59 0.13 12.90
CA TYR A 529 16.39 0.75 12.33
C TYR A 529 15.22 -0.23 12.44
N HIS A 530 15.49 -1.51 12.16
CA HIS A 530 14.53 -2.60 12.45
C HIS A 530 14.05 -2.54 13.88
N LEU A 531 15.00 -2.43 14.84
CA LEU A 531 14.57 -2.38 16.24
C LEU A 531 13.72 -1.12 16.51
N THR A 532 14.13 0.03 15.99
CA THR A 532 13.32 1.26 16.12
C THR A 532 11.87 1.08 15.61
N VAL A 533 11.74 0.46 14.45
CA VAL A 533 10.42 0.18 13.86
C VAL A 533 9.65 -0.85 14.69
N ALA A 534 10.32 -1.84 15.28
CA ALA A 534 9.64 -2.77 16.21
C ALA A 534 9.11 -2.01 17.43
N GLN A 535 9.90 -1.08 17.95
CA GLN A 535 9.40 -0.24 19.05
C GLN A 535 8.18 0.65 18.70
N VAL A 536 8.21 1.28 17.52
CA VAL A 536 7.08 2.13 17.06
C VAL A 536 5.84 1.24 16.86
N ARG A 537 5.96 0.17 16.07
CA ARG A 537 4.79 -0.64 15.77
C ARG A 537 4.32 -1.34 17.04
N GLY A 538 5.25 -1.98 17.75
CA GLY A 538 4.86 -2.67 18.97
C GLY A 538 4.32 -1.76 20.08
N GLY A 539 4.96 -0.62 20.26
CA GLY A 539 4.54 0.44 21.17
C GLY A 539 3.13 0.92 20.87
N MET A 540 2.86 1.11 19.58
CA MET A 540 1.49 1.50 19.19
C MET A 540 0.46 0.43 19.61
N VAL A 541 0.73 -0.86 19.32
CA VAL A 541 -0.18 -1.97 19.63
C VAL A 541 -0.34 -2.02 21.14
N PHE A 542 0.79 -1.89 21.87
CA PHE A 542 0.75 -1.92 23.32
C PHE A 542 -0.21 -0.86 23.90
N GLU A 543 -0.04 0.39 23.54
CA GLU A 543 -0.92 1.48 23.99
C GLU A 543 -2.39 1.24 23.61
N LEU A 544 -2.63 0.87 22.35
CA LEU A 544 -3.98 0.65 21.87
C LEU A 544 -4.64 -0.49 22.61
N ALA A 545 -3.89 -1.55 22.92
CA ALA A 545 -4.46 -2.68 23.64
C ALA A 545 -4.51 -2.52 25.15
N ASN A 546 -3.77 -1.56 25.71
CA ASN A 546 -3.64 -1.48 27.18
C ASN A 546 -4.09 -0.22 27.88
N SER A 547 -4.14 0.91 27.18
CA SER A 547 -4.59 2.17 27.75
C SER A 547 -6.04 2.08 28.17
N ILE A 548 -6.31 2.61 29.35
CA ILE A 548 -7.69 2.52 29.88
C ILE A 548 -8.65 3.30 28.95
N VAL A 549 -8.32 4.55 28.63
CA VAL A 549 -9.04 5.33 27.62
C VAL A 549 -8.31 5.09 26.30
N LEU A 550 -9.05 4.71 25.24
CA LEU A 550 -8.43 4.52 23.91
C LEU A 550 -7.59 5.73 23.53
N PRO A 551 -6.36 5.48 22.99
CA PRO A 551 -5.46 6.63 22.79
C PRO A 551 -5.70 7.31 21.42
N PHE A 552 -6.93 7.79 21.22
CA PHE A 552 -7.33 8.52 20.01
C PHE A 552 -7.75 9.91 20.42
N ASP A 553 -7.31 10.90 19.65
CA ASP A 553 -7.74 12.27 19.88
C ASP A 553 -8.63 12.75 18.74
N CYS A 554 -9.95 12.77 18.97
CA CYS A 554 -10.90 13.25 17.94
C CYS A 554 -10.60 14.64 17.46
N ARG A 555 -9.99 15.51 18.28
CA ARG A 555 -9.75 16.86 17.79
C ARG A 555 -8.76 16.93 16.62
N ASP A 556 -7.85 15.96 16.54
CA ASP A 556 -6.96 15.91 15.38
C ASP A 556 -7.71 15.63 14.06
N TYR A 557 -8.80 14.85 14.11
CA TYR A 557 -9.65 14.72 12.91
C TYR A 557 -10.25 16.06 12.51
N ALA A 558 -10.69 16.86 13.49
CA ALA A 558 -11.28 18.16 13.20
C ALA A 558 -10.32 19.08 12.44
N VAL A 559 -9.05 19.13 12.88
CA VAL A 559 -8.06 19.95 12.21
C VAL A 559 -7.85 19.51 10.75
N VAL A 560 -7.66 18.21 10.52
CA VAL A 560 -7.45 17.79 9.12
C VAL A 560 -8.69 17.95 8.27
N LEU A 561 -9.87 17.75 8.86
CA LEU A 561 -11.11 17.90 8.02
C LEU A 561 -11.19 19.32 7.45
N ARG A 562 -10.83 20.32 8.25
CA ARG A 562 -10.78 21.71 7.78
C ARG A 562 -9.75 21.92 6.67
N LYS A 563 -8.55 21.37 6.85
CA LYS A 563 -7.51 21.44 5.82
C LYS A 563 -8.02 20.83 4.50
N TYR A 564 -8.65 19.63 4.58
CA TYR A 564 -9.19 18.97 3.36
C TYR A 564 -10.33 19.73 2.74
N ALA A 565 -11.17 20.36 3.57
CA ALA A 565 -12.28 21.18 3.04
C ALA A 565 -11.72 22.38 2.29
N ASP A 566 -10.74 23.08 2.90
CA ASP A 566 -10.05 24.17 2.17
C ASP A 566 -9.48 23.71 0.82
N LYS A 567 -8.84 22.54 0.82
N LYS A 567 -8.83 22.55 0.82
CA LYS A 567 -8.19 22.01 -0.37
CA LYS A 567 -8.16 22.05 -0.38
C LYS A 567 -9.20 21.77 -1.49
C LYS A 567 -9.15 21.72 -1.50
N ILE A 568 -10.26 21.08 -1.15
CA ILE A 568 -11.24 20.71 -2.17
C ILE A 568 -11.98 21.96 -2.72
N TYR A 569 -12.33 22.87 -1.82
CA TYR A 569 -12.94 24.14 -2.21
C TYR A 569 -12.01 24.88 -3.18
N SER A 570 -10.69 24.93 -2.89
CA SER A 570 -9.71 25.58 -3.80
C SER A 570 -9.66 24.97 -5.18
N ILE A 571 -9.78 23.64 -5.24
CA ILE A 571 -9.85 22.97 -6.54
C ILE A 571 -11.07 23.45 -7.32
N SER A 572 -12.22 23.51 -6.65
CA SER A 572 -13.47 23.89 -7.33
C SER A 572 -13.43 25.35 -7.79
N MET A 573 -12.80 26.19 -6.97
CA MET A 573 -12.68 27.63 -7.26
C MET A 573 -11.83 28.00 -8.47
N LYS A 574 -11.20 27.01 -9.10
CA LYS A 574 -10.59 27.20 -10.42
C LYS A 574 -11.67 27.38 -11.51
N HIS A 575 -12.94 27.15 -11.17
CA HIS A 575 -14.03 27.22 -12.13
C HIS A 575 -15.09 28.21 -11.62
N PRO A 576 -14.69 29.50 -11.36
CA PRO A 576 -15.68 30.40 -10.69
C PRO A 576 -16.97 30.57 -11.48
N GLN A 577 -16.89 30.61 -12.81
CA GLN A 577 -18.09 30.81 -13.64
C GLN A 577 -19.11 29.67 -13.49
N GLU A 578 -18.62 28.42 -13.54
CA GLU A 578 -19.50 27.26 -13.37
C GLU A 578 -20.10 27.19 -11.96
N MET A 579 -19.33 27.60 -10.95
CA MET A 579 -19.84 27.62 -9.58
C MET A 579 -21.02 28.61 -9.46
N LYS A 580 -20.93 29.72 -10.19
CA LYS A 580 -22.04 30.70 -10.30
C LYS A 580 -23.24 30.11 -11.03
N THR A 581 -23.00 29.62 -12.25
CA THR A 581 -24.07 29.07 -13.10
C THR A 581 -24.82 27.94 -12.41
N TYR A 582 -24.09 27.02 -11.76
CA TYR A 582 -24.74 25.84 -11.20
C TYR A 582 -25.01 25.92 -9.71
N SER A 583 -24.71 27.09 -9.12
CA SER A 583 -25.01 27.36 -7.70
CA SER A 583 -25.02 27.33 -7.72
C SER A 583 -24.29 26.34 -6.80
N VAL A 584 -23.01 26.12 -7.09
CA VAL A 584 -22.20 25.15 -6.34
C VAL A 584 -21.70 25.82 -5.06
N SER A 585 -22.24 25.39 -3.93
CA SER A 585 -21.75 25.89 -2.62
C SER A 585 -21.09 24.83 -1.77
N PHE A 586 -19.99 25.22 -1.11
CA PHE A 586 -19.31 24.38 -0.09
C PHE A 586 -19.79 24.71 1.34
N ASP A 587 -20.82 25.57 1.46
CA ASP A 587 -21.26 26.02 2.81
C ASP A 587 -21.60 24.89 3.73
N SER A 588 -22.32 23.90 3.21
CA SER A 588 -22.71 22.73 4.03
C SER A 588 -21.50 21.96 4.55
N LEU A 589 -20.49 21.77 3.71
CA LEU A 589 -19.27 21.04 4.16
C LEU A 589 -18.52 21.81 5.27
N PHE A 590 -18.29 23.10 5.03
CA PHE A 590 -17.68 23.93 6.08
C PHE A 590 -18.48 23.99 7.37
N SER A 591 -19.81 24.04 7.27
CA SER A 591 -20.69 24.01 8.44
CA SER A 591 -20.65 24.03 8.47
C SER A 591 -20.54 22.67 9.18
N ALA A 592 -20.49 21.59 8.43
CA ALA A 592 -20.31 20.26 9.06
C ALA A 592 -18.96 20.21 9.79
N VAL A 593 -17.91 20.77 9.18
CA VAL A 593 -16.54 20.70 9.75
C VAL A 593 -16.48 21.55 11.03
N LYS A 594 -17.14 22.72 10.96
CA LYS A 594 -17.28 23.60 12.16
C LYS A 594 -17.97 22.87 13.27
N ASN A 595 -19.08 22.17 12.98
CA ASN A 595 -19.76 21.43 13.99
C ASN A 595 -18.95 20.29 14.59
N PHE A 596 -18.24 19.57 13.71
CA PHE A 596 -17.35 18.52 14.13
C PHE A 596 -16.34 19.08 15.14
N THR A 597 -15.72 20.21 14.80
CA THR A 597 -14.69 20.86 15.66
C THR A 597 -15.28 21.16 17.03
N GLU A 598 -16.45 21.80 17.03
CA GLU A 598 -17.14 22.14 18.30
C GLU A 598 -17.56 20.93 19.12
N ILE A 599 -18.18 19.91 18.49
CA ILE A 599 -18.62 18.70 19.21
C ILE A 599 -17.40 17.91 19.72
N ALA A 600 -16.33 17.87 18.92
CA ALA A 600 -15.14 17.07 19.32
C ALA A 600 -14.48 17.74 20.51
N SER A 601 -14.43 19.06 20.49
CA SER A 601 -13.88 19.81 21.63
C SER A 601 -14.66 19.52 22.92
N LYS A 602 -16.00 19.52 22.85
CA LYS A 602 -16.83 19.21 24.01
C LYS A 602 -16.69 17.74 24.48
N PHE A 603 -16.58 16.82 23.52
CA PHE A 603 -16.34 15.41 23.85
C PHE A 603 -15.01 15.25 24.59
N SER A 604 -13.98 15.97 24.11
CA SER A 604 -12.65 15.90 24.75
C SER A 604 -12.71 16.36 26.22
N GLU A 605 -13.46 17.43 26.49
CA GLU A 605 -13.68 17.89 27.89
C GLU A 605 -14.32 16.81 28.76
N ARG A 606 -15.40 16.18 28.26
CA ARG A 606 -16.03 15.09 28.99
C ARG A 606 -15.09 13.91 29.22
N LEU A 607 -14.26 13.61 28.21
CA LEU A 607 -13.33 12.48 28.32
C LEU A 607 -12.31 12.72 29.43
N GLN A 608 -11.98 13.99 29.66
CA GLN A 608 -11.20 14.36 30.84
C GLN A 608 -11.86 14.26 32.24
N ASP A 609 -13.19 14.37 32.35
CA ASP A 609 -13.93 14.36 33.65
C ASP A 609 -14.89 13.18 33.92
N PHE A 610 -14.43 12.03 34.42
CA PHE A 610 -15.34 10.93 34.78
C PHE A 610 -14.56 9.80 35.54
N SER A 613 -14.28 6.58 38.25
N SER A 613 -13.17 4.26 36.88
CA SER A 613 -14.59 5.27 38.66
CA SER A 613 -13.41 2.97 37.55
C SER A 613 -15.72 4.59 37.87
C SER A 613 -14.90 2.55 37.51
N ASN A 614 -16.23 5.20 36.81
N ASN A 614 -15.73 3.26 36.72
CA ASN A 614 -17.42 4.60 36.16
CA ASN A 614 -17.13 2.79 36.50
C ASN A 614 -17.11 3.87 34.84
C ASN A 614 -17.16 2.02 35.19
N PRO A 615 -17.12 2.52 34.87
N PRO A 615 -17.21 0.67 35.25
CA PRO A 615 -16.63 1.75 33.72
CA PRO A 615 -16.94 -0.04 34.00
C PRO A 615 -17.59 1.81 32.52
C PRO A 615 -17.91 0.27 32.85
N ILE A 616 -18.89 2.07 32.79
N ILE A 616 -19.18 0.54 33.12
CA ILE A 616 -19.87 2.17 31.72
CA ILE A 616 -20.11 0.72 32.00
C ILE A 616 -19.67 3.48 30.93
C ILE A 616 -19.98 2.09 31.38
N VAL A 617 -19.55 4.60 31.65
N VAL A 617 -19.66 3.07 32.21
CA VAL A 617 -19.21 5.89 31.06
CA VAL A 617 -19.45 4.42 31.71
C VAL A 617 -17.91 5.79 30.30
C VAL A 617 -18.18 4.39 30.87
N LEU A 618 -16.91 5.16 30.90
N LEU A 618 -17.15 3.72 31.37
CA LEU A 618 -15.65 4.89 30.21
CA LEU A 618 -15.91 3.65 30.64
C LEU A 618 -15.80 4.14 28.89
C LEU A 618 -16.17 3.02 29.29
N ARG A 619 -16.46 2.98 28.96
N ARG A 619 -16.97 1.96 29.27
CA ARG A 619 -16.63 2.08 27.82
CA ARG A 619 -17.22 1.33 27.99
C ARG A 619 -17.55 2.73 26.83
C ARG A 619 -17.88 2.24 26.91
N MET A 620 -18.67 3.26 27.32
CA MET A 620 -19.45 4.18 26.42
C MET A 620 -18.55 5.16 25.71
N MET A 621 -17.65 5.84 26.43
N MET A 621 -17.65 5.77 26.48
CA MET A 621 -16.81 6.80 25.71
CA MET A 621 -16.68 6.74 26.01
C MET A 621 -15.73 6.10 24.84
C MET A 621 -15.70 6.15 24.99
N ASN A 622 -15.27 4.92 25.26
CA ASN A 622 -14.28 4.18 24.41
C ASN A 622 -15.01 3.74 23.14
N ASP A 623 -16.27 3.29 23.27
CA ASP A 623 -17.10 2.96 22.09
C ASP A 623 -17.25 4.16 21.17
N GLN A 624 -17.45 5.37 21.71
CA GLN A 624 -17.56 6.54 20.85
C GLN A 624 -16.22 6.79 20.12
N LEU A 625 -15.10 6.62 20.83
CA LEU A 625 -13.78 6.74 20.17
C LEU A 625 -13.55 5.67 19.10
N MET A 626 -13.93 4.44 19.42
CA MET A 626 -13.75 3.28 18.53
C MET A 626 -14.63 3.43 17.28
N PHE A 627 -15.90 3.82 17.50
CA PHE A 627 -16.83 3.96 16.35
C PHE A 627 -16.69 5.23 15.59
N LEU A 628 -15.75 6.11 15.94
CA LEU A 628 -15.62 7.40 15.23
C LEU A 628 -15.01 7.20 13.84
N GLU A 629 -13.94 6.41 13.73
CA GLU A 629 -13.49 6.04 12.37
C GLU A 629 -14.64 5.33 11.58
N ARG A 630 -15.42 4.52 12.27
CA ARG A 630 -16.45 3.79 11.59
C ARG A 630 -17.50 4.70 11.02
N ALA A 631 -17.73 5.85 11.65
CA ALA A 631 -18.76 6.79 11.22
C ALA A 631 -18.48 7.37 9.87
N PHE A 632 -17.22 7.31 9.42
CA PHE A 632 -16.90 7.85 8.07
C PHE A 632 -17.23 6.94 6.92
N ILE A 633 -17.66 5.73 7.23
CA ILE A 633 -18.04 4.74 6.20
C ILE A 633 -19.44 5.05 5.68
N ASP A 634 -19.59 5.04 4.33
CA ASP A 634 -20.86 5.12 3.66
C ASP A 634 -21.14 3.74 3.11
N PRO A 635 -22.25 3.09 3.53
CA PRO A 635 -22.48 1.71 3.12
C PRO A 635 -22.74 1.60 1.61
N LEU A 636 -23.04 2.72 0.95
CA LEU A 636 -23.19 2.67 -0.53
C LEU A 636 -21.87 2.72 -1.29
N GLY A 637 -20.74 2.97 -0.62
CA GLY A 637 -19.46 3.14 -1.30
C GLY A 637 -19.32 4.40 -2.12
N LEU A 638 -18.14 4.54 -2.72
CA LEU A 638 -17.89 5.62 -3.64
C LEU A 638 -18.29 5.21 -5.04
N PRO A 639 -18.50 6.20 -5.96
CA PRO A 639 -19.04 5.81 -7.26
C PRO A 639 -18.24 4.73 -8.03
N ASP A 640 -18.91 3.63 -8.37
CA ASP A 640 -18.32 2.47 -9.07
C ASP A 640 -17.17 1.84 -8.33
N ARG A 641 -16.99 2.22 -7.06
CA ARG A 641 -15.99 1.54 -6.22
C ARG A 641 -16.67 1.17 -4.89
N PRO A 642 -17.52 0.13 -4.89
CA PRO A 642 -18.28 -0.26 -3.73
C PRO A 642 -17.49 -0.67 -2.50
N PHE A 643 -16.20 -1.04 -2.64
CA PHE A 643 -15.38 -1.45 -1.49
C PHE A 643 -14.53 -0.32 -0.96
N TYR A 644 -14.63 0.84 -1.57
CA TYR A 644 -14.00 2.03 -0.95
C TYR A 644 -15.13 2.82 -0.36
N ARG A 645 -15.35 2.63 0.95
N ARG A 645 -15.36 2.62 0.94
CA ARG A 645 -16.51 3.21 1.59
CA ARG A 645 -16.51 3.20 1.60
C ARG A 645 -16.26 4.40 2.51
C ARG A 645 -16.27 4.38 2.53
N HIS A 646 -15.00 4.65 2.81
CA HIS A 646 -14.62 5.76 3.68
C HIS A 646 -14.78 7.06 2.87
N VAL A 647 -15.50 8.03 3.43
CA VAL A 647 -15.85 9.24 2.68
C VAL A 647 -14.69 10.23 2.76
N ILE A 648 -13.85 10.15 3.79
CA ILE A 648 -12.74 11.10 3.88
C ILE A 648 -11.51 10.65 3.06
N TYR A 649 -11.21 9.35 3.04
CA TYR A 649 -9.98 8.82 2.41
C TYR A 649 -10.29 7.65 1.47
N ALA A 650 -9.81 7.72 0.23
CA ALA A 650 -9.82 6.55 -0.68
C ALA A 650 -8.48 6.53 -1.39
N PRO A 651 -8.07 5.37 -1.89
CA PRO A 651 -6.87 5.37 -2.78
C PRO A 651 -7.13 6.26 -3.99
N SER A 652 -6.14 7.07 -4.38
CA SER A 652 -6.28 7.85 -5.62
C SER A 652 -6.72 7.04 -6.83
N SER A 653 -7.70 7.54 -7.57
CA SER A 653 -8.13 6.85 -8.79
C SER A 653 -7.04 6.87 -9.89
N HIS A 654 -6.00 7.65 -9.68
CA HIS A 654 -4.84 7.76 -10.61
C HIS A 654 -3.59 7.09 -10.11
N ASN A 655 -3.58 6.67 -8.86
CA ASN A 655 -2.38 6.05 -8.27
C ASN A 655 -2.82 5.41 -7.00
N LYS A 656 -3.06 4.10 -7.05
CA LYS A 656 -3.53 3.33 -5.86
C LYS A 656 -2.67 3.52 -4.60
N TYR A 657 -1.36 3.81 -4.77
CA TYR A 657 -0.52 4.00 -3.59
C TYR A 657 -0.79 5.26 -2.80
N ALA A 658 -1.33 6.28 -3.46
CA ALA A 658 -1.52 7.60 -2.85
C ALA A 658 -2.90 7.74 -2.19
N GLY A 659 -2.98 8.31 -0.98
CA GLY A 659 -4.29 8.65 -0.43
C GLY A 659 -4.86 9.90 -1.07
N GLU A 660 -6.17 9.92 -1.31
CA GLU A 660 -6.85 11.16 -1.73
C GLU A 660 -7.84 11.56 -0.62
N SER A 661 -7.94 12.86 -0.31
CA SER A 661 -8.97 13.32 0.61
C SER A 661 -10.23 13.83 -0.10
N PHE A 662 -11.38 13.73 0.59
CA PHE A 662 -12.73 13.88 -0.04
C PHE A 662 -12.77 13.33 -1.44
N PRO A 663 -12.45 12.02 -1.58
CA PRO A 663 -12.28 11.43 -2.90
C PRO A 663 -13.49 11.53 -3.82
N GLY A 664 -14.68 11.50 -3.21
CA GLY A 664 -15.91 11.59 -3.98
C GLY A 664 -16.00 12.92 -4.68
N ILE A 665 -15.77 14.00 -3.94
CA ILE A 665 -15.76 15.34 -4.57
C ILE A 665 -14.53 15.49 -5.48
N TYR A 666 -13.36 14.99 -5.05
CA TYR A 666 -12.18 15.10 -5.89
C TYR A 666 -12.39 14.53 -7.30
N ASP A 667 -12.84 13.28 -7.38
CA ASP A 667 -13.06 12.67 -8.67
C ASP A 667 -14.18 13.34 -9.45
N ALA A 668 -15.20 13.88 -8.78
CA ALA A 668 -16.27 14.59 -9.50
C ALA A 668 -15.70 15.86 -10.17
N LEU A 669 -14.75 16.49 -9.51
CA LEU A 669 -14.08 17.70 -10.11
C LEU A 669 -12.96 17.41 -11.10
N PHE A 670 -12.40 16.21 -11.06
CA PHE A 670 -11.18 15.94 -11.87
C PHE A 670 -11.48 16.06 -13.36
N ASP A 671 -10.72 16.92 -14.04
CA ASP A 671 -10.85 17.08 -15.51
C ASP A 671 -12.28 17.49 -15.91
N ILE A 672 -12.99 18.21 -15.02
CA ILE A 672 -14.40 18.53 -15.23
C ILE A 672 -14.59 19.44 -16.47
N GLU A 673 -13.59 20.29 -16.75
CA GLU A 673 -13.65 21.18 -17.92
C GLU A 673 -13.77 20.42 -19.23
N SER A 674 -13.41 19.12 -19.24
CA SER A 674 -13.48 18.32 -20.47
C SER A 674 -14.80 17.57 -20.59
N LYS A 675 -15.69 17.67 -19.60
CA LYS A 675 -16.92 16.88 -19.69
C LYS A 675 -17.93 17.49 -20.66
N VAL A 676 -18.61 16.60 -21.37
CA VAL A 676 -19.56 16.97 -22.43
C VAL A 676 -20.79 17.72 -21.91
N ASP A 677 -21.26 17.31 -20.73
CA ASP A 677 -22.49 17.86 -20.15
C ASP A 677 -22.12 18.53 -18.84
N PRO A 678 -21.76 19.83 -18.88
CA PRO A 678 -21.33 20.49 -17.64
C PRO A 678 -22.42 20.50 -16.57
N SER A 679 -23.69 20.62 -16.94
CA SER A 679 -24.77 20.60 -15.94
C SER A 679 -24.81 19.29 -15.15
N LYS A 680 -24.71 18.18 -15.87
CA LYS A 680 -24.64 16.86 -15.27
C LYS A 680 -23.38 16.73 -14.39
N ALA A 681 -22.23 17.16 -14.91
CA ALA A 681 -20.99 17.03 -14.15
C ALA A 681 -20.96 17.88 -12.87
N TRP A 682 -21.44 19.13 -12.96
CA TRP A 682 -21.52 19.98 -11.78
C TRP A 682 -22.60 19.55 -10.80
N GLY A 683 -23.69 18.98 -11.33
CA GLY A 683 -24.72 18.31 -10.48
C GLY A 683 -24.13 17.22 -9.62
N GLU A 684 -23.18 16.45 -10.16
CA GLU A 684 -22.55 15.35 -9.44
C GLU A 684 -21.55 15.90 -8.43
N VAL A 685 -20.85 17.01 -8.76
CA VAL A 685 -20.04 17.72 -7.75
C VAL A 685 -20.92 18.08 -6.53
N LYS A 686 -22.05 18.74 -6.77
CA LYS A 686 -22.94 19.14 -5.68
C LYS A 686 -23.43 17.91 -4.89
N ARG A 687 -23.76 16.81 -5.61
CA ARG A 687 -24.18 15.57 -4.90
C ARG A 687 -23.08 15.09 -3.92
N GLN A 688 -21.84 15.11 -4.38
CA GLN A 688 -20.73 14.67 -3.56
C GLN A 688 -20.45 15.62 -2.40
N ILE A 689 -20.62 16.93 -2.61
CA ILE A 689 -20.61 17.88 -1.50
C ILE A 689 -21.63 17.51 -0.44
N TYR A 690 -22.86 17.22 -0.85
CA TYR A 690 -23.95 16.79 0.06
C TYR A 690 -23.58 15.54 0.86
N VAL A 691 -23.11 14.53 0.14
CA VAL A 691 -22.69 13.28 0.82
C VAL A 691 -21.56 13.52 1.84
N ALA A 692 -20.55 14.31 1.46
CA ALA A 692 -19.44 14.60 2.35
C ALA A 692 -19.90 15.40 3.57
N ALA A 693 -20.70 16.44 3.36
CA ALA A 693 -21.18 17.27 4.50
C ALA A 693 -22.02 16.45 5.45
N PHE A 694 -22.94 15.64 4.89
CA PHE A 694 -23.76 14.77 5.70
C PHE A 694 -22.91 13.81 6.51
N THR A 695 -21.94 13.16 5.87
CA THR A 695 -21.13 12.14 6.59
C THR A 695 -20.33 12.82 7.68
N VAL A 696 -19.77 14.00 7.39
CA VAL A 696 -19.00 14.69 8.45
C VAL A 696 -19.90 15.03 9.64
N GLN A 697 -21.07 15.61 9.35
CA GLN A 697 -22.04 15.91 10.45
C GLN A 697 -22.46 14.64 11.21
N ALA A 698 -22.71 13.55 10.47
CA ALA A 698 -23.15 12.33 11.12
C ALA A 698 -22.05 11.78 12.01
N ALA A 699 -20.79 11.84 11.56
CA ALA A 699 -19.65 11.41 12.41
C ALA A 699 -19.52 12.30 13.65
N ALA A 700 -19.59 13.62 13.46
CA ALA A 700 -19.63 14.56 14.62
C ALA A 700 -20.68 14.16 15.67
N GLU A 701 -21.91 13.87 15.22
CA GLU A 701 -23.02 13.48 16.10
C GLU A 701 -22.83 12.22 16.89
N THR A 702 -21.95 11.29 16.47
CA THR A 702 -21.58 10.12 17.29
C THR A 702 -20.79 10.52 18.55
N LEU A 703 -20.25 11.72 18.56
CA LEU A 703 -19.49 12.25 19.70
C LEU A 703 -20.35 13.12 20.64
N SER A 704 -21.59 13.43 20.23
CA SER A 704 -22.53 14.17 21.08
C SER A 704 -22.89 13.31 22.27
N GLU A 705 -23.45 13.94 23.31
CA GLU A 705 -23.98 13.12 24.41
C GLU A 705 -25.00 12.15 23.86
N VAL A 706 -25.02 10.95 24.40
CA VAL A 706 -25.72 9.84 23.74
C VAL A 706 -27.24 9.88 23.94
N ALA A 707 -27.69 10.57 25.00
CA ALA A 707 -29.11 10.71 25.32
C ALA A 707 -29.24 11.85 26.32
C1 NAG B . 14.16 -21.39 10.38
C2 NAG B . 14.90 -22.58 9.80
C3 NAG B . 14.14 -23.87 10.08
C4 NAG B . 13.77 -24.05 11.55
C5 NAG B . 13.10 -22.79 12.07
C6 NAG B . 12.79 -22.83 13.57
C7 NAG B . 16.22 -21.97 7.85
C8 NAG B . 16.27 -21.86 6.36
N2 NAG B . 15.07 -22.41 8.37
O3 NAG B . 14.94 -24.97 9.66
O4 NAG B . 12.81 -25.11 11.59
O5 NAG B . 13.91 -21.63 11.77
O6 NAG B . 14.00 -22.82 14.32
O7 NAG B . 17.20 -21.67 8.53
C1 NAG B . 13.16 -26.12 12.56
C2 NAG B . 11.92 -26.98 12.80
C3 NAG B . 12.21 -28.30 13.52
C4 NAG B . 13.58 -28.94 13.25
C5 NAG B . 14.71 -27.90 13.05
C6 NAG B . 15.95 -28.51 12.40
C7 NAG B . 9.87 -25.67 13.14
C8 NAG B . 9.05 -24.95 14.17
N2 NAG B . 10.99 -26.23 13.61
O3 NAG B . 11.19 -29.22 13.12
O4 NAG B . 13.89 -29.91 14.30
O5 NAG B . 14.28 -26.89 12.14
O6 NAG B . 15.64 -28.99 11.08
O7 NAG B . 9.55 -25.74 11.97
C1 BMA B . 13.96 -31.24 13.75
C2 BMA B . 15.19 -31.98 14.31
C3 BMA B . 15.37 -33.34 13.59
C4 BMA B . 14.06 -34.15 13.45
C5 BMA B . 12.80 -33.29 13.17
C6 BMA B . 11.51 -34.07 13.44
O2 BMA B . 15.03 -32.12 15.72
O3 BMA B . 16.39 -34.14 14.22
O4 BMA B . 14.27 -35.12 12.41
O5 BMA B . 12.78 -32.06 13.92
O6 BMA B . 10.39 -33.18 13.43
C1 NAG C . -24.22 22.54 12.17
C2 NAG C . -25.18 21.90 11.15
C3 NAG C . -26.37 22.87 11.07
C4 NAG C . -27.06 23.12 12.44
C5 NAG C . -26.04 23.48 13.53
C6 NAG C . -26.69 23.41 14.93
C7 NAG C . -24.78 20.61 9.14
C8 NAG C . -24.07 20.48 7.82
N2 NAG C . -24.55 21.70 9.86
O3 NAG C . -27.29 22.32 10.16
O4 NAG C . -27.96 24.25 12.38
O5 NAG C . -24.95 22.55 13.43
O6 NAG C . -25.95 24.18 15.92
O7 NAG C . -25.53 19.75 9.57
C1 NAG C . -29.26 23.91 11.89
C2 NAG C . -30.36 24.51 12.76
C3 NAG C . -31.72 24.41 12.07
C4 NAG C . -31.66 24.88 10.60
C5 NAG C . -30.51 24.20 9.83
C6 NAG C . -30.32 24.83 8.45
C7 NAG C . -30.15 24.35 15.21
C8 NAG C . -30.27 23.43 16.40
N2 NAG C . -30.44 23.80 14.03
O3 NAG C . -32.65 25.21 12.82
O4 NAG C . -32.87 24.50 9.92
O5 NAG C . -29.28 24.36 10.54
O6 NAG C . -29.73 23.87 7.55
O7 NAG C . -29.82 25.53 15.35
C1 BMA C . -33.87 25.52 9.98
C2 BMA C . -34.51 25.70 8.60
C3 BMA C . -35.73 26.61 8.69
C4 BMA C . -36.69 26.16 9.79
C5 BMA C . -35.94 26.07 11.12
C6 BMA C . -36.84 25.52 12.19
O2 BMA C . -34.88 24.40 8.08
O3 BMA C . -36.39 26.51 7.44
O4 BMA C . -37.79 27.03 9.87
O5 BMA C . -34.83 25.18 10.98
O6 BMA C . -35.98 24.84 13.10
C1 MAN C . -36.73 27.76 6.82
C2 MAN C . -37.81 27.42 5.78
C3 MAN C . -37.21 26.80 4.51
C4 MAN C . -35.95 27.50 4.00
C5 MAN C . -34.95 27.68 5.16
C6 MAN C . -33.60 28.30 4.81
O2 MAN C . -38.54 28.62 5.55
O3 MAN C . -38.11 26.73 3.41
O4 MAN C . -35.41 26.71 2.92
O5 MAN C . -35.59 28.42 6.22
O6 MAN C . -33.74 29.70 4.54
C1 MAN C . -36.54 24.95 14.42
C2 MAN C . -35.60 25.84 15.26
C3 MAN C . -34.36 25.08 15.75
C4 MAN C . -34.73 23.72 16.36
C5 MAN C . -35.57 22.92 15.34
C6 MAN C . -35.91 21.50 15.76
O2 MAN C . -36.34 26.38 16.36
O3 MAN C . -33.60 25.89 16.65
O4 MAN C . -33.55 22.98 16.68
O5 MAN C . -36.77 23.66 15.02
O6 MAN C . -35.81 20.66 14.60
C1 NAG D . 2.44 -24.51 -21.07
C2 NAG D . 1.09 -25.12 -20.76
C3 NAG D . 0.82 -26.36 -21.62
C4 NAG D . 1.27 -26.28 -23.09
C5 NAG D . 2.63 -25.55 -23.27
C6 NAG D . 3.04 -25.24 -24.74
C7 NAG D . 0.34 -24.99 -18.45
C8 NAG D . 0.63 -25.53 -17.07
N2 NAG D . 1.14 -25.49 -19.37
O3 NAG D . -0.57 -26.64 -21.55
O4 NAG D . 1.35 -27.65 -23.56
O5 NAG D . 2.61 -24.35 -22.49
O6 NAG D . 4.42 -25.50 -25.10
O7 NAG D . -0.55 -24.19 -18.70
C1 NAG D . 0.56 -27.93 -24.73
C2 NAG D . 0.75 -29.40 -25.14
C3 NAG D . -0.16 -29.78 -26.32
C4 NAG D . -1.61 -29.28 -26.15
C5 NAG D . -1.64 -27.78 -25.77
C6 NAG D . -3.05 -27.27 -25.53
C7 NAG D . 3.12 -30.11 -24.75
C8 NAG D . 4.44 -30.27 -25.45
N2 NAG D . 2.13 -29.65 -25.53
O3 NAG D . -0.13 -31.20 -26.54
O4 NAG D . -2.38 -29.51 -27.35
O5 NAG D . -0.83 -27.56 -24.60
O6 NAG D . -3.58 -27.79 -24.31
O7 NAG D . 3.00 -30.39 -23.57
C1 NAG E . 14.65 -15.59 -29.98
C2 NAG E . 15.83 -16.03 -30.85
C3 NAG E . 15.28 -16.69 -32.11
C4 NAG E . 14.26 -17.80 -31.81
C5 NAG E . 13.21 -17.36 -30.72
C6 NAG E . 12.34 -18.49 -30.19
C7 NAG E . 17.83 -14.48 -30.84
C8 NAG E . 18.58 -15.25 -29.79
N2 NAG E . 16.62 -14.88 -31.25
O3 NAG E . 16.41 -17.21 -32.83
O4 NAG E . 13.64 -18.23 -33.05
O5 NAG E . 13.86 -16.73 -29.59
O6 NAG E . 13.20 -19.41 -29.49
O7 NAG E . 18.29 -13.47 -31.34
C1 NAG E . 13.61 -19.68 -33.12
C2 NAG E . 12.41 -20.11 -33.97
C3 NAG E . 12.37 -21.64 -34.13
C4 NAG E . 13.71 -22.32 -34.49
C5 NAG E . 14.80 -21.76 -33.54
C6 NAG E . 16.19 -22.34 -33.81
C7 NAG E . 10.46 -18.63 -33.55
C8 NAG E . 9.22 -18.50 -32.70
N2 NAG E . 11.18 -19.72 -33.31
O3 NAG E . 11.38 -21.96 -35.11
O4 NAG E . 13.57 -23.77 -34.33
O5 NAG E . 14.83 -20.31 -33.58
O6 NAG E . 16.93 -21.50 -34.71
O7 NAG E . 10.73 -17.77 -34.36
C1 BMA E . 13.49 -24.69 -35.49
C2 BMA E . 12.82 -24.23 -36.79
C3 BMA E . 12.38 -25.47 -37.59
C4 BMA E . 13.45 -26.56 -37.69
C5 BMA E . 14.66 -26.51 -36.72
C6 BMA E . 15.97 -26.59 -37.52
O2 BMA E . 13.70 -23.42 -37.57
O3 BMA E . 11.96 -25.08 -38.90
O4 BMA E . 12.79 -27.83 -37.54
O5 BMA E . 14.73 -25.36 -35.83
O6 BMA E . 16.76 -27.73 -37.18
C1 FUC E . 12.52 -20.18 -28.47
C2 FUC E . 13.45 -21.32 -28.03
C3 FUC E . 14.59 -20.78 -27.14
C4 FUC E . 14.01 -20.00 -25.93
C5 FUC E . 13.09 -18.89 -26.47
C6 FUC E . 12.47 -18.02 -25.38
O2 FUC E . 14.02 -21.98 -29.17
O3 FUC E . 15.50 -21.81 -26.76
O4 FUC E . 13.31 -20.85 -25.01
O5 FUC E . 12.06 -19.44 -27.31
C1 NAG F . -0.15 12.69 24.70
C2 NAG F . -1.55 12.22 25.09
C3 NAG F . -2.34 13.41 25.62
C4 NAG F . -1.59 14.12 26.75
C5 NAG F . -0.21 14.54 26.21
C6 NAG F . 0.69 15.30 27.20
C7 NAG F . -2.69 10.39 24.03
C8 NAG F . -3.45 9.90 22.80
N2 NAG F . -2.27 11.64 23.98
O3 NAG F . -3.60 12.92 26.09
O4 NAG F . -2.38 15.28 27.08
O5 NAG F . 0.46 13.34 25.82
O6 NAG F . 0.82 14.47 28.38
O7 NAG F . -2.51 9.68 24.98
C1 NAG F . -2.54 15.39 28.50
C2 NAG F . -3.02 16.83 28.73
C3 NAG F . -3.45 17.07 30.18
C4 NAG F . -4.37 15.95 30.70
C5 NAG F . -3.72 14.58 30.41
C6 NAG F . -4.54 13.39 30.90
C7 NAG F . -1.99 18.46 27.23
C8 NAG F . -0.82 19.37 27.04
N2 NAG F . -1.97 17.76 28.36
O3 NAG F . -4.09 18.34 30.28
O4 NAG F . -4.51 16.11 32.11
O5 NAG F . -3.48 14.43 29.00
O6 NAG F . -5.83 13.44 30.27
O7 NAG F . -2.89 18.38 26.41
C1 BMA F . -5.77 16.63 32.56
C2 BMA F . -6.27 15.75 33.71
C3 BMA F . -7.62 16.24 34.24
C4 BMA F . -7.65 17.76 34.49
C5 BMA F . -6.82 18.63 33.51
C6 BMA F . -6.43 19.95 34.16
O2 BMA F . -5.27 15.74 34.75
O3 BMA F . -8.01 15.50 35.42
O4 BMA F . -9.01 18.18 34.35
O5 BMA F . -5.62 17.99 33.04
O6 BMA F . -6.37 20.98 33.16
ZN ZN G . 5.53 -6.05 -2.52
ZN ZN H . 4.90 -6.26 0.76
CA CA I . -13.79 -12.66 -1.66
CL CL J . 3.87 -1.17 6.18
C1 NAG K . -7.33 5.83 -33.31
C2 NAG K . -8.58 6.72 -33.52
C3 NAG K . -9.85 5.87 -33.65
C4 NAG K . -9.73 4.81 -34.76
C5 NAG K . -8.53 3.89 -34.42
C6 NAG K . -8.42 2.71 -35.41
C7 NAG K . -8.28 9.01 -32.51
C8 NAG K . -8.59 9.84 -31.31
N2 NAG K . -8.73 7.74 -32.47
O3 NAG K . -10.95 6.73 -33.94
O4 NAG K . -10.96 4.09 -34.92
O5 NAG K . -7.33 4.71 -34.26
O6 NAG K . -7.37 2.83 -36.38
O7 NAG K . -7.65 9.47 -33.45
C1 NAG L . 22.64 4.76 4.68
C2 NAG L . 22.40 4.87 3.17
C3 NAG L . 23.56 5.59 2.45
C4 NAG L . 23.93 6.93 3.08
C5 NAG L . 24.16 6.66 4.59
C6 NAG L . 24.54 7.91 5.38
C7 NAG L . 20.89 3.27 2.03
C8 NAG L . 20.74 1.86 1.55
N2 NAG L . 22.05 3.55 2.64
O3 NAG L . 23.24 5.90 1.10
O4 NAG L . 25.06 7.54 2.39
O5 NAG L . 23.01 6.04 5.18
O6 NAG L . 23.54 8.94 5.23
O7 NAG L . 20.00 4.09 1.85
NA NA M . 22.71 -11.48 -1.99
C3 QWF N . 0.53 -5.26 -4.02
C8 QWF N . 4.81 -0.52 -2.32
C7 QWF N . 4.66 -1.67 -1.30
N9 QWF N . 7.10 11.47 -2.20
C10 QWF N . 6.13 1.69 -2.83
C14 QWF N . 7.06 5.99 -5.74
C20 QWF N . 7.45 12.39 -7.60
C18 QWF N . 8.76 10.58 -6.71
C17 QWF N . 7.64 9.74 -6.65
C22 QWF N . 6.41 10.28 -7.08
C27 QWF N . 1.99 10.48 -2.60
C26 QWF N . 3.11 10.63 -3.63
C25 QWF N . 3.40 9.36 -4.43
C24 QWF N . 3.53 8.13 -3.51
C23 QWF N . 3.83 6.91 -4.35
C16 QWF N . 7.76 8.37 -6.14
C13 QWF N . 5.64 5.55 -5.34
C12 QWF N . 5.61 4.08 -4.91
C6 QWF N . 3.41 -3.50 -2.47
C5 QWF N . -1.87 -4.25 -4.32
C4 QWF N . -0.42 -4.06 -3.90
C1 QWF N . 2.43 -4.00 -5.07
O1 QWF N . 2.36 -2.75 -4.98
O2 QWF N . 2.75 -4.65 -6.12
C2 QWF N . 2.00 -4.83 -3.85
O3 QWF N . -2.72 -3.39 -3.97
O4 QWF N . -2.13 -5.24 -5.04
N1 QWF N . 2.21 -4.09 -2.62
O5 QWF N . 4.40 -3.88 -3.15
N2 QWF N . 3.47 -2.48 -1.59
C9 QWF N . 5.85 0.51 -1.88
C11 QWF N . 4.90 2.45 -3.22
N3 QWF N . 5.21 3.81 -3.66
O6 QWF N . 5.93 3.21 -5.70
C15 QWF N . 7.03 7.32 -6.44
C19 QWF N . 8.67 11.88 -7.19
C21 QWF N . 6.33 11.59 -7.55
N4 QWF N . 5.08 6.41 -4.29
O7 QWF N . 2.96 6.43 -5.10
C28 QWF N . 2.11 9.20 -1.78
C29 QWF N . 2.24 7.97 -2.68
C30 QWF N . 1.90 11.72 -1.71
N5 QWF N . 3.11 11.96 -0.93
C31 QWF N . 3.18 11.78 0.40
O8 QWF N . 2.30 11.22 1.04
C32 QWF N . 4.43 12.29 1.08
N6 QWF N . 5.64 12.58 0.28
C33 QWF N . 6.34 13.79 0.78
C34 QWF N . 5.60 15.09 0.49
N7 QWF N . 5.35 15.29 -0.95
C35 QWF N . 4.01 15.81 -1.28
C36 QWF N . 3.61 17.21 -0.81
O9 QWF N . 2.41 17.53 -1.01
O10 QWF N . 4.47 17.93 -0.26
C37 QWF N . 6.46 15.99 -1.64
C38 QWF N . 6.55 15.60 -3.10
N8 QWF N . 6.55 14.15 -3.33
C39 QWF N . 7.92 13.62 -3.21
C40 QWF N . 8.03 12.10 -3.14
C41 QWF N . 7.63 11.46 -0.82
C42 QWF N . 6.55 11.43 0.26
C43 QWF N . 6.62 10.14 -2.65
C44 QWF N . 7.63 8.98 -2.67
O11 QWF N . 8.85 9.28 -2.66
O12 QWF N . 7.16 7.82 -2.71
C45 QWF N . 5.92 13.80 -4.60
C46 QWF N . 4.40 13.84 -4.63
O13 QWF N . 3.86 13.70 -5.73
O14 QWF N . 3.80 13.97 -3.55
C47 QWF N . 4.60 -1.18 0.15
O15 QWF N . 3.49 -0.72 0.53
O16 QWF N . 5.63 -1.26 0.86
#